data_5SA6
#
_entry.id   5SA6
#
_cell.length_a   150.629
_cell.length_b   150.629
_cell.length_c   110.583
_cell.angle_alpha   90.000
_cell.angle_beta   90.000
_cell.angle_gamma   120.000
#
_symmetry.space_group_name_H-M   'P 63'
#
loop_
_entity.id
_entity.type
_entity.pdbx_description
1 polymer 'Uridylate-specific endoribonuclease'
2 non-polymer N-benzyl-1-(4-fluorophenyl)methanamine
3 water water
#
_entity_poly.entity_id   1
_entity_poly.type   'polypeptide(L)'
_entity_poly.pdbx_seq_one_letter_code
;GAMSLENVAFNVVNKGHFDGQQGEVPVSIINNTVYTKVDGVDVELFENKTTLPVNVAFELWAKRNIKPVPEVKILNNLGV
DIAANTVIWDYKRDAPAHISTIGVCSMTDIAKKPTETICAPLTVFFDGRVDGQVDLFRNARNGVLITEGSVKGLQPSVGP
KQASLNGVTLIGEAVKTQFNYYKKVDGVVQQLPETYFTQSRNLQEFKPRSQMEIDFLELAMDEFIERYKLEGYAFEHIVY
GDFSHSQLGGLHLLIGLAKRFKESPFELEDFIPMDSTVKNYFITDAQTGSSKCVCSVIDLLLDDFVEIIKSQDLSVVSKV
VKVTIDYTEISFMLWCKDGHVETFYPKLQ
;
_entity_poly.pdbx_strand_id   A,B
#
loop_
_chem_comp.id
_chem_comp.type
_chem_comp.name
_chem_comp.formula
O3G non-polymer N-benzyl-1-(4-fluorophenyl)methanamine 'C14 H14 F N'
#
# COMPACT_ATOMS: atom_id res chain seq x y z
N ALA A 2 -13.28 25.49 -21.93
CA ALA A 2 -13.75 26.87 -22.15
C ALA A 2 -13.60 27.71 -20.87
N MET A 3 -12.33 27.99 -20.52
CA MET A 3 -11.96 28.75 -19.31
C MET A 3 -11.93 30.26 -19.52
N SER A 4 -12.52 30.99 -18.56
CA SER A 4 -12.56 32.44 -18.57
C SER A 4 -12.58 33.03 -17.16
N LEU A 5 -12.24 34.31 -17.03
CA LEU A 5 -12.24 34.98 -15.74
C LEU A 5 -13.64 34.99 -15.13
N GLU A 6 -14.65 35.28 -15.97
CA GLU A 6 -16.05 35.37 -15.63
C GLU A 6 -16.66 34.02 -15.27
N ASN A 7 -16.15 32.93 -15.86
CA ASN A 7 -16.60 31.60 -15.54
C ASN A 7 -15.96 31.16 -14.22
N VAL A 8 -14.68 31.51 -13.96
CA VAL A 8 -14.04 31.15 -12.69
C VAL A 8 -14.78 31.85 -11.56
N ALA A 9 -15.07 33.16 -11.75
CA ALA A 9 -15.82 34.02 -10.83
C ALA A 9 -17.24 33.55 -10.62
N PHE A 10 -17.88 32.98 -11.64
CA PHE A 10 -19.23 32.43 -11.52
C PHE A 10 -19.18 31.22 -10.57
N ASN A 11 -18.18 30.35 -10.72
CA ASN A 11 -18.01 29.17 -9.90
C ASN A 11 -17.71 29.59 -8.49
N VAL A 12 -16.87 30.59 -8.28
CA VAL A 12 -16.53 31.06 -6.94
C VAL A 12 -17.79 31.54 -6.21
N VAL A 13 -18.66 32.30 -6.89
CA VAL A 13 -19.91 32.85 -6.38
C VAL A 13 -20.94 31.77 -6.03
N ASN A 14 -21.21 30.86 -6.95
CA ASN A 14 -22.24 29.85 -6.80
C ASN A 14 -21.78 28.51 -6.20
N LYS A 15 -20.47 28.26 -6.11
CA LYS A 15 -19.94 26.97 -5.64
C LYS A 15 -18.92 27.08 -4.53
N GLY A 16 -18.40 28.26 -4.24
CA GLY A 16 -17.40 28.43 -3.20
C GLY A 16 -15.96 28.29 -3.68
N HIS A 17 -15.78 27.65 -4.83
CA HIS A 17 -14.53 27.35 -5.52
C HIS A 17 -14.86 26.95 -6.98
N PHE A 18 -13.84 26.79 -7.84
CA PHE A 18 -14.05 26.34 -9.21
C PHE A 18 -14.47 24.86 -9.23
N ASP A 19 -15.74 24.61 -9.61
CA ASP A 19 -16.35 23.28 -9.70
C ASP A 19 -16.62 22.82 -11.16
N GLY A 20 -16.16 23.57 -12.14
CA GLY A 20 -16.37 23.22 -13.54
C GLY A 20 -17.72 23.55 -14.13
N GLN A 21 -18.58 24.22 -13.34
CA GLN A 21 -19.92 24.63 -13.77
C GLN A 21 -19.86 25.69 -14.87
N GLN A 22 -20.93 25.83 -15.63
CA GLN A 22 -21.00 26.79 -16.71
C GLN A 22 -21.78 27.98 -16.30
N GLY A 23 -21.33 29.12 -16.77
CA GLY A 23 -21.95 30.39 -16.44
C GLY A 23 -20.92 31.47 -16.26
N GLU A 24 -21.37 32.71 -16.26
CA GLU A 24 -20.51 33.87 -16.12
C GLU A 24 -21.20 34.89 -15.24
N VAL A 25 -20.41 35.65 -14.46
CA VAL A 25 -20.84 36.78 -13.64
C VAL A 25 -19.96 38.00 -14.04
N PRO A 26 -20.47 39.26 -13.94
CA PRO A 26 -19.63 40.40 -14.32
C PRO A 26 -18.47 40.51 -13.34
N VAL A 27 -17.26 40.71 -13.86
CA VAL A 27 -16.06 40.83 -13.02
C VAL A 27 -15.33 42.14 -13.35
N SER A 28 -14.80 42.80 -12.32
CA SER A 28 -13.98 43.99 -12.50
C SER A 28 -12.68 43.82 -11.73
N ILE A 29 -11.58 44.17 -12.36
CA ILE A 29 -10.28 44.08 -11.73
C ILE A 29 -9.71 45.47 -11.45
N ILE A 30 -9.57 45.78 -10.17
CA ILE A 30 -9.01 47.05 -9.75
C ILE A 30 -7.97 46.64 -8.72
N ASN A 31 -6.88 47.41 -8.52
N ASN A 31 -6.78 46.85 -9.34
CA ASN A 31 -5.85 47.22 -7.45
CA ASN A 31 -5.41 46.62 -9.00
C ASN A 31 -5.69 45.79 -6.75
C ASN A 31 -5.17 45.15 -8.76
N ASN A 32 -5.24 44.74 -7.52
CA ASN A 32 -5.00 43.35 -7.11
C ASN A 32 -6.20 42.66 -6.51
N THR A 33 -7.38 43.22 -6.68
CA THR A 33 -8.61 42.66 -6.15
C THR A 33 -9.53 42.30 -7.31
N VAL A 34 -10.24 41.18 -7.15
CA VAL A 34 -11.21 40.72 -8.11
C VAL A 34 -12.56 40.99 -7.50
N TYR A 35 -13.38 41.81 -8.15
CA TYR A 35 -14.71 42.17 -7.69
C TYR A 35 -15.76 41.58 -8.62
N THR A 36 -16.98 41.45 -8.13
CA THR A 36 -18.10 41.00 -8.94
C THR A 36 -19.27 41.94 -8.68
N LYS A 37 -20.05 42.23 -9.72
CA LYS A 37 -21.21 43.10 -9.58
C LYS A 37 -22.36 42.25 -9.03
N VAL A 38 -22.85 42.58 -7.82
CA VAL A 38 -23.98 41.91 -7.20
C VAL A 38 -25.08 42.95 -6.98
N ASP A 39 -26.08 42.97 -7.87
CA ASP A 39 -27.19 43.93 -7.77
C ASP A 39 -26.74 45.40 -7.84
N GLY A 40 -25.74 45.67 -8.67
CA GLY A 40 -25.27 47.03 -8.86
C GLY A 40 -24.15 47.48 -7.95
N VAL A 41 -23.75 46.62 -6.97
CA VAL A 41 -22.63 46.94 -6.06
C VAL A 41 -21.49 45.98 -6.26
N ASP A 42 -20.26 46.49 -6.29
CA ASP A 42 -19.08 45.65 -6.45
C ASP A 42 -18.71 44.98 -5.13
N VAL A 43 -18.76 43.65 -5.11
CA VAL A 43 -18.43 42.81 -3.95
C VAL A 43 -17.07 42.16 -4.18
N GLU A 44 -16.19 42.20 -3.17
CA GLU A 44 -14.86 41.62 -3.27
C GLU A 44 -14.89 40.10 -3.26
N LEU A 45 -14.23 39.47 -4.23
CA LEU A 45 -14.19 38.03 -4.36
C LEU A 45 -12.85 37.40 -3.98
N PHE A 46 -11.75 38.14 -4.24
CA PHE A 46 -10.40 37.67 -4.02
C PHE A 46 -9.42 38.83 -3.98
N GLU A 47 -8.46 38.81 -3.04
CA GLU A 47 -7.41 39.81 -3.00
C GLU A 47 -6.11 39.09 -3.20
N ASN A 48 -5.40 39.45 -4.25
CA ASN A 48 -4.16 38.80 -4.61
C ASN A 48 -2.99 39.14 -3.69
N LYS A 49 -2.54 38.16 -2.90
CA LYS A 49 -1.38 38.30 -2.02
C LYS A 49 -0.14 37.54 -2.60
N THR A 50 -0.26 37.06 -3.87
CA THR A 50 0.76 36.31 -4.61
C THR A 50 1.60 37.27 -5.50
N THR A 51 2.68 36.76 -6.04
CA THR A 51 3.56 37.45 -6.97
C THR A 51 3.13 37.20 -8.45
N LEU A 52 1.93 36.57 -8.68
CA LEU A 52 1.35 36.23 -9.98
C LEU A 52 0.32 37.30 -10.37
N PRO A 53 -0.03 37.47 -11.67
CA PRO A 53 -1.07 38.44 -12.02
C PRO A 53 -2.39 38.13 -11.31
N VAL A 54 -3.15 39.16 -10.97
CA VAL A 54 -4.37 39.05 -10.18
C VAL A 54 -5.32 37.96 -10.64
N ASN A 55 -5.64 37.95 -11.94
CA ASN A 55 -6.57 37.00 -12.54
C ASN A 55 -6.01 35.59 -12.62
N VAL A 56 -4.69 35.46 -12.74
CA VAL A 56 -4.03 34.17 -12.78
C VAL A 56 -4.08 33.59 -11.38
N ALA A 57 -3.71 34.39 -10.35
CA ALA A 57 -3.78 33.93 -8.98
C ALA A 57 -5.20 33.59 -8.56
N PHE A 58 -6.22 34.36 -9.04
CA PHE A 58 -7.64 34.18 -8.76
C PHE A 58 -8.06 32.79 -9.16
N GLU A 59 -7.73 32.42 -10.40
CA GLU A 59 -8.00 31.11 -10.99
C GLU A 59 -7.29 29.99 -10.26
N LEU A 60 -6.00 30.13 -9.91
CA LEU A 60 -5.30 29.08 -9.19
C LEU A 60 -5.89 28.90 -7.80
N TRP A 61 -6.32 29.97 -7.15
CA TRP A 61 -6.94 29.87 -5.85
C TRP A 61 -8.29 29.17 -6.00
N ALA A 62 -9.08 29.55 -7.00
CA ALA A 62 -10.37 28.93 -7.25
C ALA A 62 -10.22 27.44 -7.53
N LYS A 63 -9.15 27.05 -8.24
CA LYS A 63 -8.83 25.68 -8.59
C LYS A 63 -7.97 24.92 -7.56
N ARG A 64 -7.91 25.43 -6.33
CA ARG A 64 -7.15 24.84 -5.25
C ARG A 64 -7.72 23.49 -4.85
N ASN A 65 -6.87 22.64 -4.25
CA ASN A 65 -7.27 21.31 -3.84
C ASN A 65 -8.07 21.39 -2.53
N ILE A 66 -9.38 21.08 -2.59
CA ILE A 66 -10.25 21.15 -1.43
C ILE A 66 -10.43 19.78 -0.72
N LYS A 67 -9.44 18.88 -0.87
CA LYS A 67 -9.40 17.57 -0.22
C LYS A 67 -8.23 17.59 0.77
N PRO A 68 -8.17 16.74 1.82
CA PRO A 68 -7.01 16.79 2.72
C PRO A 68 -5.74 16.50 1.93
N VAL A 69 -4.79 17.43 1.92
CA VAL A 69 -3.56 17.23 1.16
C VAL A 69 -2.34 17.28 2.09
N PRO A 70 -1.19 16.72 1.69
CA PRO A 70 0.01 16.84 2.55
C PRO A 70 0.34 18.30 2.89
N GLU A 71 0.90 18.55 4.08
CA GLU A 71 1.25 19.92 4.45
C GLU A 71 2.44 20.36 3.61
N VAL A 72 2.50 21.64 3.25
CA VAL A 72 3.56 22.16 2.39
C VAL A 72 4.96 21.82 2.92
N LYS A 73 5.16 21.84 4.26
CA LYS A 73 6.46 21.43 4.82
C LYS A 73 6.87 20.01 4.38
N ILE A 74 5.94 19.04 4.40
CA ILE A 74 6.22 17.68 3.96
C ILE A 74 6.61 17.61 2.48
N LEU A 75 5.82 18.22 1.58
CA LEU A 75 6.10 18.21 0.16
C LEU A 75 7.38 18.94 -0.20
N ASN A 76 7.76 19.96 0.56
CA ASN A 76 9.02 20.68 0.34
C ASN A 76 10.15 19.75 0.78
N ASN A 77 10.01 19.15 1.98
CA ASN A 77 11.01 18.21 2.50
C ASN A 77 11.29 17.07 1.57
N LEU A 78 10.28 16.63 0.80
CA LEU A 78 10.38 15.57 -0.20
C LEU A 78 10.73 16.08 -1.61
N GLY A 79 11.13 17.33 -1.73
CA GLY A 79 11.57 17.96 -2.97
C GLY A 79 10.57 18.13 -4.09
N VAL A 80 9.29 18.36 -3.79
CA VAL A 80 8.24 18.55 -4.82
C VAL A 80 8.35 19.91 -5.54
N ASP A 81 8.36 19.92 -6.88
CA ASP A 81 8.48 21.15 -7.65
C ASP A 81 7.11 21.62 -8.21
N ILE A 82 6.29 20.66 -8.58
CA ILE A 82 5.00 20.94 -9.20
C ILE A 82 3.98 19.85 -8.77
N ALA A 83 2.69 20.11 -8.93
CA ALA A 83 1.61 19.18 -8.61
C ALA A 83 0.92 18.82 -9.91
N ALA A 84 0.52 17.55 -10.07
CA ALA A 84 -0.10 17.06 -11.29
C ALA A 84 -1.59 17.21 -11.29
N ASN A 85 -2.09 18.05 -12.21
CA ASN A 85 -3.51 18.26 -12.45
C ASN A 85 -4.29 18.73 -11.25
N THR A 86 -3.68 19.60 -10.43
CA THR A 86 -4.27 20.20 -9.23
C THR A 86 -3.43 21.39 -8.80
N VAL A 87 -3.97 22.22 -7.87
CA VAL A 87 -3.25 23.32 -7.27
C VAL A 87 -3.18 23.07 -5.76
N ILE A 88 -1.96 22.86 -5.22
CA ILE A 88 -1.76 22.74 -3.79
C ILE A 88 -1.62 24.19 -3.33
N TRP A 89 -2.57 24.68 -2.52
CA TRP A 89 -2.55 26.08 -2.10
C TRP A 89 -1.84 26.17 -0.78
N ASP A 90 -0.88 27.12 -0.70
CA ASP A 90 -0.09 27.41 0.51
C ASP A 90 -0.81 28.47 1.28
N TYR A 91 -1.61 28.06 2.26
CA TYR A 91 -2.37 28.99 3.09
C TYR A 91 -1.49 29.80 4.03
N LYS A 92 -0.29 29.30 4.36
CA LYS A 92 0.65 30.05 5.21
C LYS A 92 1.29 31.22 4.44
N ARG A 93 1.30 31.16 3.09
CA ARG A 93 1.85 32.18 2.21
C ARG A 93 0.79 32.88 1.35
N ASP A 94 -0.49 32.45 1.41
CA ASP A 94 -1.59 32.98 0.60
C ASP A 94 -1.25 32.97 -0.87
N ALA A 95 -0.63 31.88 -1.33
CA ALA A 95 -0.20 31.73 -2.72
C ALA A 95 -0.12 30.26 -3.07
N PRO A 96 -0.06 29.91 -4.38
CA PRO A 96 0.08 28.50 -4.72
C PRO A 96 1.42 27.97 -4.22
N ALA A 97 1.46 26.70 -3.76
CA ALA A 97 2.70 26.13 -3.29
C ALA A 97 3.72 26.04 -4.43
N HIS A 98 3.25 25.93 -5.70
CA HIS A 98 4.06 25.86 -6.92
C HIS A 98 3.63 26.98 -7.86
N ILE A 99 4.58 27.58 -8.60
CA ILE A 99 4.22 28.71 -9.47
C ILE A 99 3.81 28.26 -10.88
N SER A 100 4.20 27.02 -11.28
CA SER A 100 3.86 26.39 -12.54
C SER A 100 2.86 25.25 -12.30
N THR A 101 1.90 25.07 -13.21
CA THR A 101 0.90 24.02 -13.09
C THR A 101 0.97 23.00 -14.25
N ILE A 102 0.26 21.84 -14.07
CA ILE A 102 0.11 20.80 -15.09
C ILE A 102 -1.39 20.57 -15.23
N GLY A 103 -1.97 21.05 -16.33
CA GLY A 103 -3.39 20.89 -16.63
C GLY A 103 -4.35 21.62 -15.72
N VAL A 104 -4.00 22.85 -15.30
CA VAL A 104 -4.82 23.66 -14.41
C VAL A 104 -5.22 25.02 -15.03
N CYS A 105 -4.26 25.85 -15.40
CA CYS A 105 -4.49 27.21 -15.87
C CYS A 105 -3.65 27.43 -17.12
N SER A 106 -4.22 27.96 -18.20
CA SER A 106 -3.46 28.19 -19.44
C SER A 106 -2.26 29.11 -19.27
N MET A 107 -2.32 30.02 -18.28
CA MET A 107 -1.24 30.94 -18.02
C MET A 107 -0.07 30.33 -17.24
N THR A 108 -0.33 29.37 -16.35
CA THR A 108 0.73 28.76 -15.55
C THR A 108 1.13 27.36 -16.01
N ASP A 109 0.36 26.75 -16.90
CA ASP A 109 0.60 25.42 -17.39
C ASP A 109 1.84 25.30 -18.18
N ILE A 110 2.76 24.44 -17.72
CA ILE A 110 3.96 24.07 -18.50
C ILE A 110 3.64 22.89 -19.45
N ALA A 111 2.58 22.12 -19.13
CA ALA A 111 2.11 20.96 -19.84
C ALA A 111 0.65 20.69 -19.47
N LYS A 112 -0.09 19.98 -20.34
CA LYS A 112 -1.47 19.57 -20.05
C LYS A 112 -1.48 18.23 -19.27
N LYS A 113 -0.46 17.39 -19.47
CA LYS A 113 -0.36 16.09 -18.80
C LYS A 113 1.06 15.90 -18.25
N PRO A 114 1.21 15.27 -17.06
CA PRO A 114 2.55 15.08 -16.47
C PRO A 114 3.50 14.17 -17.28
N THR A 115 2.96 13.48 -18.31
CA THR A 115 3.69 12.61 -19.23
C THR A 115 4.55 13.42 -20.20
N GLU A 116 4.28 14.74 -20.38
CA GLU A 116 5.03 15.58 -21.31
C GLU A 116 6.50 15.68 -20.90
N THR A 117 7.38 15.75 -21.89
CA THR A 117 8.82 15.73 -21.65
C THR A 117 9.33 16.94 -20.85
N ILE A 118 8.55 18.03 -20.76
CA ILE A 118 8.94 19.20 -19.97
C ILE A 118 8.94 18.85 -18.46
N CYS A 119 8.02 17.96 -18.03
CA CYS A 119 7.86 17.54 -16.64
C CYS A 119 8.94 16.59 -16.18
N ALA A 120 9.62 15.91 -17.13
CA ALA A 120 10.67 14.94 -16.87
C ALA A 120 11.64 15.32 -15.74
N PRO A 121 12.29 16.49 -15.74
CA PRO A 121 13.21 16.80 -14.63
C PRO A 121 12.58 17.34 -13.35
N LEU A 122 11.25 17.48 -13.30
CA LEU A 122 10.57 18.02 -12.13
C LEU A 122 10.01 16.93 -11.26
N THR A 123 10.13 17.10 -9.97
CA THR A 123 9.52 16.17 -9.03
C THR A 123 8.04 16.55 -8.96
N VAL A 124 7.20 15.84 -9.76
CA VAL A 124 5.76 16.09 -9.84
C VAL A 124 5.02 15.38 -8.70
N PHE A 125 4.06 16.03 -8.04
CA PHE A 125 3.29 15.42 -6.98
C PHE A 125 2.07 14.78 -7.59
N PHE A 126 1.82 13.49 -7.28
CA PHE A 126 0.67 12.72 -7.76
C PHE A 126 -0.20 12.32 -6.59
N ASP A 127 -1.51 12.50 -6.71
CA ASP A 127 -2.48 12.14 -5.68
C ASP A 127 -3.12 10.81 -6.09
N GLY A 128 -2.78 9.73 -5.40
CA GLY A 128 -3.30 8.39 -5.65
C GLY A 128 -4.79 8.25 -5.57
N ARG A 129 -5.45 9.16 -4.83
CA ARG A 129 -6.89 9.16 -4.72
C ARG A 129 -7.59 9.57 -6.03
N VAL A 130 -6.86 10.11 -7.01
CA VAL A 130 -7.40 10.50 -8.29
C VAL A 130 -7.10 9.36 -9.29
N ASP A 131 -8.09 9.00 -10.11
CA ASP A 131 -7.93 7.93 -11.09
C ASP A 131 -6.77 8.21 -12.07
N GLY A 132 -5.91 7.21 -12.22
CA GLY A 132 -4.78 7.24 -13.12
C GLY A 132 -3.53 7.92 -12.60
N GLN A 133 -3.58 8.50 -11.39
CA GLN A 133 -2.44 9.20 -10.84
C GLN A 133 -1.34 8.27 -10.35
N VAL A 134 -1.70 7.06 -9.89
CA VAL A 134 -0.68 6.09 -9.47
C VAL A 134 0.07 5.60 -10.71
N ASP A 135 -0.64 5.36 -11.83
CA ASP A 135 -0.01 4.95 -13.07
C ASP A 135 0.91 6.01 -13.65
N LEU A 136 0.55 7.29 -13.46
CA LEU A 136 1.35 8.41 -13.92
C LEU A 136 2.62 8.52 -13.09
N PHE A 137 2.57 8.18 -11.80
CA PHE A 137 3.76 8.19 -10.93
C PHE A 137 4.77 7.17 -11.44
N ARG A 138 4.28 5.98 -11.83
CA ARG A 138 5.08 4.89 -12.36
C ARG A 138 5.76 5.30 -13.67
N ASN A 139 5.10 6.11 -14.48
CA ASN A 139 5.66 6.53 -15.77
C ASN A 139 6.55 7.78 -15.68
N ALA A 140 6.38 8.60 -14.62
CA ALA A 140 7.17 9.81 -14.46
C ALA A 140 8.59 9.50 -13.98
N ARG A 141 9.57 10.30 -14.43
CA ARG A 141 10.97 10.17 -14.05
C ARG A 141 11.15 10.56 -12.59
N ASN A 142 10.72 11.77 -12.19
CA ASN A 142 10.80 12.19 -10.79
C ASN A 142 9.38 12.46 -10.29
N GLY A 143 9.13 12.17 -9.01
CA GLY A 143 7.83 12.42 -8.42
C GLY A 143 7.62 11.95 -7.00
N VAL A 144 6.53 12.40 -6.39
CA VAL A 144 6.10 12.02 -5.04
C VAL A 144 4.65 11.56 -5.19
N LEU A 145 4.28 10.44 -4.56
CA LEU A 145 2.94 9.90 -4.66
C LEU A 145 2.37 9.69 -3.26
N ILE A 146 1.13 10.14 -3.04
CA ILE A 146 0.41 9.87 -1.79
C ILE A 146 -0.73 8.89 -2.14
N THR A 147 -0.97 7.87 -1.32
CA THR A 147 -2.09 6.94 -1.55
C THR A 147 -2.79 6.65 -0.23
N GLU A 148 -4.09 6.31 -0.30
CA GLU A 148 -4.83 5.91 0.89
C GLU A 148 -4.55 4.43 1.23
N GLY A 149 -4.33 3.60 0.21
CA GLY A 149 -4.03 2.20 0.39
C GLY A 149 -2.66 1.77 -0.11
N SER A 150 -2.49 0.46 -0.35
CA SER A 150 -1.24 -0.09 -0.84
C SER A 150 -1.20 -0.08 -2.37
N VAL A 151 -0.03 0.16 -2.95
CA VAL A 151 0.13 0.16 -4.40
C VAL A 151 1.01 -1.02 -4.66
N LYS A 152 0.50 -2.07 -5.33
CA LYS A 152 1.21 -3.33 -5.55
C LYS A 152 2.69 -3.20 -5.97
N GLY A 153 3.57 -3.77 -5.16
CA GLY A 153 5.00 -3.77 -5.43
C GLY A 153 5.80 -2.64 -4.81
N LEU A 154 5.19 -1.44 -4.75
CA LEU A 154 5.81 -0.23 -4.19
C LEU A 154 5.80 -0.20 -2.67
N GLN A 155 7.01 -0.14 -2.07
CA GLN A 155 7.19 -0.10 -0.61
C GLN A 155 6.80 1.25 -0.06
N PRO A 156 5.78 1.28 0.82
CA PRO A 156 5.27 2.55 1.30
C PRO A 156 6.03 3.14 2.46
N SER A 157 5.80 4.43 2.69
CA SER A 157 6.33 5.16 3.82
C SER A 157 5.09 5.74 4.50
N VAL A 158 4.79 5.36 5.75
CA VAL A 158 3.60 5.91 6.40
C VAL A 158 3.87 7.34 6.84
N GLY A 159 3.07 8.28 6.33
CA GLY A 159 3.26 9.70 6.59
C GLY A 159 2.65 10.19 7.89
N PRO A 160 2.49 11.53 8.03
CA PRO A 160 1.94 12.06 9.28
C PRO A 160 0.47 11.74 9.45
N LYS A 161 0.02 11.71 10.71
CA LYS A 161 -1.40 11.45 10.99
C LYS A 161 -2.27 12.57 10.40
N GLN A 162 -1.72 13.81 10.36
CA GLN A 162 -2.37 15.04 9.92
C GLN A 162 -2.06 15.47 8.46
N ALA A 163 -3.09 16.01 7.82
CA ALA A 163 -3.05 16.60 6.48
C ALA A 163 -3.74 17.98 6.60
N SER A 164 -3.58 18.84 5.61
CA SER A 164 -4.17 20.17 5.62
C SER A 164 -5.45 20.20 4.80
N LEU A 165 -6.62 20.37 5.42
CA LEU A 165 -7.87 20.48 4.69
C LEU A 165 -8.31 21.94 4.63
N ASN A 166 -8.14 22.58 3.47
CA ASN A 166 -8.50 23.99 3.30
C ASN A 166 -7.82 24.91 4.31
N GLY A 167 -6.52 24.68 4.52
CA GLY A 167 -5.74 25.47 5.45
C GLY A 167 -5.84 25.03 6.90
N VAL A 168 -6.82 24.19 7.21
CA VAL A 168 -7.03 23.69 8.55
C VAL A 168 -6.30 22.37 8.69
N THR A 169 -5.17 22.36 9.38
CA THR A 169 -4.42 21.14 9.60
C THR A 169 -5.21 20.32 10.64
N LEU A 170 -5.46 19.06 10.33
CA LEU A 170 -6.25 18.21 11.21
C LEU A 170 -5.92 16.73 11.02
N ILE A 171 -6.25 15.90 12.02
CA ILE A 171 -6.15 14.46 11.94
C ILE A 171 -7.57 14.01 11.67
N GLY A 172 -7.77 13.43 10.50
CA GLY A 172 -9.08 13.05 10.00
C GLY A 172 -9.86 12.02 10.78
N GLU A 173 -11.15 12.35 10.98
CA GLU A 173 -12.14 11.53 11.65
C GLU A 173 -13.18 11.13 10.60
N ALA A 174 -13.69 12.10 9.84
CA ALA A 174 -14.64 11.83 8.77
C ALA A 174 -13.93 11.61 7.41
N VAL A 175 -12.64 11.99 7.30
CA VAL A 175 -11.79 11.85 6.12
C VAL A 175 -10.48 11.15 6.49
N LYS A 176 -9.74 10.63 5.49
CA LYS A 176 -8.45 10.03 5.76
C LYS A 176 -7.40 11.11 5.52
N THR A 177 -6.54 11.35 6.50
CA THR A 177 -5.48 12.34 6.42
C THR A 177 -4.06 11.72 6.48
N GLN A 178 -3.94 10.44 6.90
CA GLN A 178 -2.67 9.73 6.95
C GLN A 178 -2.44 9.02 5.59
N PHE A 179 -1.37 9.38 4.86
CA PHE A 179 -1.13 8.81 3.53
C PHE A 179 0.10 7.96 3.50
N ASN A 180 0.15 7.07 2.50
CA ASN A 180 1.36 6.29 2.22
C ASN A 180 2.12 7.19 1.24
N TYR A 181 3.42 7.38 1.45
CA TYR A 181 4.24 8.22 0.58
C TYR A 181 5.20 7.37 -0.23
N TYR A 182 5.43 7.77 -1.49
CA TYR A 182 6.35 7.11 -2.41
C TYR A 182 7.15 8.23 -3.13
N LYS A 183 8.44 8.01 -3.42
CA LYS A 183 9.24 9.01 -4.13
C LYS A 183 10.08 8.33 -5.24
N LYS A 184 10.31 9.02 -6.36
CA LYS A 184 11.10 8.51 -7.47
C LYS A 184 12.08 9.57 -7.87
N VAL A 185 13.32 9.18 -8.11
CA VAL A 185 14.36 10.11 -8.54
C VAL A 185 15.03 9.49 -9.73
N ASP A 186 15.01 10.17 -10.88
CA ASP A 186 15.59 9.70 -12.14
C ASP A 186 15.12 8.30 -12.54
N GLY A 187 13.83 8.07 -12.36
CA GLY A 187 13.15 6.84 -12.74
C GLY A 187 13.19 5.74 -11.72
N VAL A 188 13.99 5.89 -10.68
CA VAL A 188 14.18 4.87 -9.66
C VAL A 188 13.37 5.20 -8.45
N VAL A 189 12.59 4.25 -7.93
CA VAL A 189 11.85 4.46 -6.68
C VAL A 189 12.89 4.58 -5.58
N GLN A 190 12.93 5.73 -4.94
CA GLN A 190 13.89 6.01 -3.89
C GLN A 190 13.23 5.72 -2.54
N GLN A 191 13.90 4.97 -1.67
CA GLN A 191 13.44 4.57 -0.34
C GLN A 191 13.40 5.75 0.62
N LEU A 192 12.22 6.06 1.19
CA LEU A 192 12.09 7.17 2.14
C LEU A 192 12.61 6.77 3.52
N PRO A 193 13.36 7.66 4.18
CA PRO A 193 13.94 7.34 5.49
C PRO A 193 12.95 7.15 6.64
N GLU A 194 13.43 6.55 7.75
CA GLU A 194 12.64 6.42 8.96
C GLU A 194 12.62 7.83 9.54
N THR A 195 11.42 8.36 9.80
CA THR A 195 11.32 9.74 10.25
C THR A 195 10.37 9.97 11.41
N TYR A 196 10.62 11.06 12.13
CA TYR A 196 9.74 11.60 13.17
C TYR A 196 8.85 12.60 12.43
N PHE A 197 7.71 12.95 13.03
CA PHE A 197 6.86 13.98 12.46
C PHE A 197 6.60 15.10 13.48
N THR A 198 6.57 16.35 12.96
CA THR A 198 6.19 17.50 13.78
C THR A 198 4.65 17.43 13.92
N GLN A 199 4.10 17.96 15.03
CA GLN A 199 2.68 17.84 15.30
C GLN A 199 1.80 18.95 14.72
N SER A 200 2.39 20.00 14.13
CA SER A 200 1.68 21.10 13.49
C SER A 200 0.61 21.79 14.36
N ARG A 201 1.01 22.17 15.59
CA ARG A 201 0.11 22.82 16.55
C ARG A 201 0.31 24.33 16.63
N ASN A 202 -0.73 25.04 17.09
CA ASN A 202 -0.68 26.50 17.26
C ASN A 202 -0.23 26.82 18.68
N LEU A 203 0.40 27.97 18.85
CA LEU A 203 0.84 28.41 20.17
C LEU A 203 -0.39 28.75 21.05
N GLN A 204 -1.36 29.45 20.45
CA GLN A 204 -2.58 29.88 21.10
C GLN A 204 -3.62 28.75 21.22
N GLU A 205 -3.58 27.75 20.33
CA GLU A 205 -4.55 26.65 20.33
C GLU A 205 -3.89 25.31 20.68
N PHE A 206 -2.88 25.32 21.56
CA PHE A 206 -2.14 24.09 21.87
C PHE A 206 -2.91 23.07 22.72
N LYS A 207 -2.84 21.81 22.31
CA LYS A 207 -3.46 20.69 23.02
C LYS A 207 -2.45 19.58 23.17
N PRO A 208 -2.25 19.06 24.39
CA PRO A 208 -1.30 17.95 24.58
C PRO A 208 -1.77 16.66 23.89
N ARG A 209 -0.83 15.88 23.35
CA ARG A 209 -1.17 14.65 22.63
C ARG A 209 -0.51 13.40 23.22
N SER A 210 -0.21 13.43 24.52
CA SER A 210 0.40 12.33 25.28
C SER A 210 0.38 12.67 26.78
N GLN A 211 0.48 11.65 27.65
CA GLN A 211 0.49 11.89 29.09
C GLN A 211 1.67 12.75 29.52
N MET A 212 2.82 12.62 28.85
CA MET A 212 4.00 13.43 29.14
C MET A 212 3.74 14.92 28.87
N GLU A 213 2.98 15.22 27.82
CA GLU A 213 2.61 16.58 27.44
C GLU A 213 1.53 17.15 28.38
N ILE A 214 0.61 16.29 28.86
CA ILE A 214 -0.43 16.63 29.83
C ILE A 214 0.25 16.99 31.17
N ASP A 215 1.29 16.22 31.55
CA ASP A 215 2.06 16.43 32.77
C ASP A 215 2.98 17.66 32.65
N PHE A 216 3.53 17.93 31.47
CA PHE A 216 4.41 19.08 31.27
C PHE A 216 3.67 20.40 31.54
N LEU A 217 2.47 20.53 31.00
CA LEU A 217 1.67 21.74 31.13
C LEU A 217 1.00 21.88 32.50
N GLU A 218 0.73 20.77 33.19
CA GLU A 218 0.08 20.83 34.50
C GLU A 218 1.10 20.95 35.64
N LEU A 219 2.12 20.09 35.65
CA LEU A 219 3.16 20.09 36.67
C LEU A 219 4.11 21.28 36.55
N ALA A 220 4.75 21.65 37.66
CA ALA A 220 5.76 22.70 37.70
C ALA A 220 7.09 22.13 37.16
N MET A 221 8.04 23.01 36.79
CA MET A 221 9.33 22.61 36.22
C MET A 221 10.07 21.54 37.03
N ASP A 222 10.26 21.77 38.34
CA ASP A 222 10.98 20.85 39.21
C ASP A 222 10.34 19.46 39.37
N GLU A 223 8.99 19.38 39.43
CA GLU A 223 8.34 18.07 39.60
C GLU A 223 8.20 17.31 38.29
N PHE A 224 8.10 18.01 37.14
CA PHE A 224 8.03 17.31 35.85
C PHE A 224 9.39 16.64 35.57
N ILE A 225 10.48 17.41 35.73
CA ILE A 225 11.84 16.92 35.50
C ILE A 225 12.17 15.74 36.45
N GLU A 226 11.61 15.76 37.67
CA GLU A 226 11.80 14.70 38.66
C GLU A 226 10.99 13.46 38.28
N ARG A 227 9.72 13.66 37.88
CA ARG A 227 8.80 12.58 37.48
C ARG A 227 9.31 11.82 36.25
N TYR A 228 9.84 12.55 35.27
CA TYR A 228 10.31 11.92 34.04
C TYR A 228 11.83 11.69 33.99
N LYS A 229 12.53 11.82 35.14
CA LYS A 229 13.97 11.56 35.29
C LYS A 229 14.86 12.32 34.28
N LEU A 230 14.53 13.59 34.01
CA LEU A 230 15.22 14.41 33.02
C LEU A 230 16.30 15.31 33.61
N GLU A 231 16.92 14.89 34.72
CA GLU A 231 17.98 15.67 35.37
C GLU A 231 19.25 15.60 34.53
N GLY A 232 19.89 16.75 34.34
CA GLY A 232 21.11 16.84 33.56
C GLY A 232 20.89 16.81 32.06
N TYR A 233 19.66 17.11 31.60
CA TYR A 233 19.31 17.13 30.18
C TYR A 233 18.87 18.52 29.66
N ALA A 234 19.07 19.57 30.49
CA ALA A 234 18.86 21.00 30.23
C ALA A 234 17.46 21.38 29.76
N PHE A 235 16.42 20.67 30.22
CA PHE A 235 15.05 20.99 29.85
C PHE A 235 14.61 22.37 30.35
N GLU A 236 15.19 22.83 31.48
CA GLU A 236 14.98 24.14 32.12
C GLU A 236 15.34 25.31 31.18
N HIS A 237 16.32 25.10 30.31
CA HIS A 237 16.77 26.10 29.34
C HIS A 237 16.13 25.83 27.96
N ILE A 238 16.29 24.60 27.41
CA ILE A 238 15.80 24.16 26.09
C ILE A 238 14.29 24.28 25.92
N VAL A 239 13.51 23.63 26.79
CA VAL A 239 12.06 23.58 26.64
C VAL A 239 11.35 24.73 27.36
N TYR A 240 11.64 24.91 28.65
CA TYR A 240 11.02 25.93 29.51
C TYR A 240 11.40 27.39 29.19
N GLY A 241 12.68 27.64 28.90
CA GLY A 241 13.17 28.98 28.59
C GLY A 241 13.95 29.62 29.71
N ASP A 242 14.75 30.65 29.39
CA ASP A 242 15.56 31.41 30.36
C ASP A 242 15.43 32.92 30.07
N PHE A 243 14.43 33.55 30.67
CA PHE A 243 14.12 34.97 30.45
C PHE A 243 14.79 35.92 31.46
N SER A 244 15.81 35.44 32.18
CA SER A 244 16.48 36.27 33.19
C SER A 244 17.43 37.31 32.62
N HIS A 245 18.06 37.03 31.48
CA HIS A 245 18.99 37.98 30.85
C HIS A 245 18.36 38.70 29.63
N SER A 246 19.03 39.75 29.09
CA SER A 246 18.53 40.51 27.94
C SER A 246 18.39 39.68 26.66
N GLN A 247 19.04 38.51 26.61
CA GLN A 247 18.90 37.60 25.48
C GLN A 247 18.17 36.36 26.00
N LEU A 248 17.03 36.04 25.38
CA LEU A 248 16.18 34.91 25.71
C LEU A 248 16.97 33.62 25.55
N GLY A 249 16.96 32.79 26.57
CA GLY A 249 17.70 31.53 26.54
C GLY A 249 16.82 30.35 26.18
N GLY A 250 17.20 29.65 25.11
CA GLY A 250 16.48 28.47 24.68
C GLY A 250 15.10 28.73 24.14
N LEU A 251 14.12 27.89 24.58
CA LEU A 251 12.71 27.95 24.14
C LEU A 251 12.63 27.42 22.69
N HIS A 252 13.12 26.20 22.47
CA HIS A 252 13.16 25.60 21.14
C HIS A 252 12.02 24.61 20.86
N LEU A 253 11.31 24.14 21.89
CA LEU A 253 10.17 23.22 21.68
C LEU A 253 8.87 24.02 21.88
N LEU A 254 7.89 23.88 20.96
CA LEU A 254 6.61 24.61 20.99
C LEU A 254 5.77 24.34 22.25
N ILE A 255 5.93 23.17 22.88
CA ILE A 255 5.19 22.86 24.10
C ILE A 255 5.61 23.82 25.24
N GLY A 256 6.90 24.14 25.31
CA GLY A 256 7.45 25.07 26.26
C GLY A 256 7.00 26.49 26.02
N LEU A 257 6.82 26.86 24.74
CA LEU A 257 6.32 28.18 24.35
C LEU A 257 4.85 28.30 24.74
N ALA A 258 4.07 27.22 24.56
CA ALA A 258 2.65 27.21 24.87
C ALA A 258 2.43 27.29 26.38
N LYS A 259 3.29 26.62 27.17
CA LYS A 259 3.18 26.68 28.63
C LYS A 259 3.45 28.10 29.13
N ARG A 260 4.45 28.77 28.53
CA ARG A 260 4.85 30.14 28.82
C ARG A 260 3.76 31.16 28.44
N PHE A 261 3.08 30.93 27.31
CA PHE A 261 2.04 31.78 26.74
C PHE A 261 0.81 31.99 27.63
N LYS A 262 0.42 30.99 28.43
CA LYS A 262 -0.73 31.13 29.32
C LYS A 262 -0.40 32.00 30.56
N GLU A 263 0.89 32.06 30.95
CA GLU A 263 1.33 32.93 32.04
C GLU A 263 1.60 34.36 31.52
N SER A 264 2.58 34.50 30.63
CA SER A 264 2.99 35.78 30.07
C SER A 264 2.86 35.77 28.57
N PRO A 265 2.26 36.83 27.99
CA PRO A 265 2.22 36.92 26.52
C PRO A 265 3.59 37.31 25.95
N PHE A 266 3.81 37.04 24.67
CA PHE A 266 5.07 37.40 24.02
C PHE A 266 4.87 37.59 22.53
N GLU A 267 5.69 38.43 21.91
CA GLU A 267 5.57 38.68 20.48
C GLU A 267 6.46 37.73 19.69
N LEU A 268 5.87 36.79 18.93
CA LEU A 268 6.63 35.88 18.06
C LEU A 268 6.60 36.52 16.69
N GLU A 269 7.73 37.08 16.23
CA GLU A 269 7.76 37.70 14.91
C GLU A 269 8.21 36.65 13.90
N ASP A 270 7.24 36.11 13.15
CA ASP A 270 7.48 35.13 12.11
C ASP A 270 8.07 35.93 10.93
N PHE A 271 9.39 36.16 10.91
CA PHE A 271 10.04 36.99 9.87
C PHE A 271 10.12 36.31 8.49
N ILE A 272 9.85 35.01 8.41
CA ILE A 272 9.79 34.29 7.13
C ILE A 272 8.47 33.54 7.15
N PRO A 273 7.34 34.17 6.77
CA PRO A 273 6.05 33.47 6.84
C PRO A 273 5.87 32.40 5.77
N MET A 274 6.10 31.16 6.19
CA MET A 274 6.01 29.99 5.34
C MET A 274 5.95 28.75 6.24
N ASP A 275 5.59 27.61 5.65
CA ASP A 275 5.54 26.37 6.40
C ASP A 275 6.87 25.67 6.38
N SER A 276 7.42 25.38 7.56
CA SER A 276 8.65 24.62 7.65
C SER A 276 8.71 23.74 8.88
N THR A 277 9.57 22.69 8.85
CA THR A 277 9.74 21.76 9.96
C THR A 277 10.25 22.51 11.17
N VAL A 278 11.29 23.36 10.97
CA VAL A 278 11.78 24.23 12.01
C VAL A 278 11.42 25.69 11.66
N LYS A 279 10.66 26.36 12.53
CA LYS A 279 10.26 27.74 12.31
C LYS A 279 11.15 28.71 13.08
N ASN A 280 11.51 29.87 12.51
CA ASN A 280 12.34 30.85 13.24
C ASN A 280 11.49 32.05 13.60
N TYR A 281 11.66 32.56 14.82
CA TYR A 281 10.90 33.73 15.27
C TYR A 281 11.75 34.74 15.99
N PHE A 282 11.47 36.03 15.79
CA PHE A 282 12.13 37.08 16.53
C PHE A 282 11.21 37.23 17.74
N ILE A 283 11.56 36.61 18.88
CA ILE A 283 10.70 36.67 20.06
C ILE A 283 11.10 37.81 21.03
N THR A 284 10.08 38.46 21.64
CA THR A 284 10.22 39.52 22.63
C THR A 284 9.26 39.14 23.75
N ASP A 285 9.76 38.90 24.97
CA ASP A 285 8.91 38.53 26.09
C ASP A 285 8.38 39.80 26.77
N ALA A 286 7.04 39.99 26.78
CA ALA A 286 6.40 41.19 27.31
C ALA A 286 6.59 41.40 28.82
N GLN A 287 6.70 40.32 29.60
CA GLN A 287 6.88 40.46 31.04
C GLN A 287 8.29 40.88 31.44
N THR A 288 9.31 40.08 31.07
CA THR A 288 10.70 40.35 31.43
C THR A 288 11.42 41.35 30.52
N GLY A 289 11.12 41.29 29.23
CA GLY A 289 11.81 42.12 28.25
C GLY A 289 13.01 41.39 27.65
N SER A 290 13.02 40.05 27.75
CA SER A 290 14.05 39.20 27.19
C SER A 290 13.75 39.05 25.70
N SER A 291 14.77 39.06 24.83
CA SER A 291 14.52 38.91 23.39
C SER A 291 15.57 38.07 22.64
N LYS A 292 15.17 37.45 21.52
CA LYS A 292 16.07 36.67 20.68
C LYS A 292 15.70 36.93 19.24
N CYS A 293 16.67 37.39 18.45
CA CYS A 293 16.50 37.71 17.04
C CYS A 293 16.04 36.51 16.23
N VAL A 294 16.71 35.37 16.42
CA VAL A 294 16.38 34.15 15.71
C VAL A 294 16.18 33.08 16.74
N CYS A 295 14.92 32.74 17.04
CA CYS A 295 14.64 31.68 17.98
C CYS A 295 14.01 30.50 17.25
N SER A 296 14.82 29.50 16.90
CA SER A 296 14.38 28.30 16.19
C SER A 296 13.49 27.39 17.05
N VAL A 297 12.25 27.16 16.61
CA VAL A 297 11.23 26.39 17.29
C VAL A 297 10.72 25.23 16.44
N ILE A 298 10.68 24.03 17.03
CA ILE A 298 10.16 22.81 16.42
C ILE A 298 9.02 22.26 17.30
N ASP A 299 7.97 21.71 16.67
CA ASP A 299 6.87 21.12 17.42
C ASP A 299 6.94 19.62 17.33
N LEU A 300 7.82 19.00 18.10
CA LEU A 300 7.90 17.55 18.17
C LEU A 300 6.98 17.12 19.30
N LEU A 301 6.48 15.87 19.29
CA LEU A 301 5.73 15.33 20.43
C LEU A 301 6.77 15.23 21.58
N LEU A 302 6.49 15.73 22.80
CA LEU A 302 7.51 15.77 23.87
C LEU A 302 8.23 14.44 24.10
N ASP A 303 7.51 13.33 23.90
CA ASP A 303 8.03 11.97 24.01
C ASP A 303 9.11 11.71 22.97
N ASP A 304 8.89 12.22 21.74
CA ASP A 304 9.84 12.11 20.63
C ASP A 304 11.09 12.96 20.89
N PHE A 305 10.93 14.16 21.49
CA PHE A 305 12.08 14.99 21.82
C PHE A 305 12.88 14.36 22.95
N VAL A 306 12.18 13.71 23.90
CA VAL A 306 12.77 12.98 25.02
C VAL A 306 13.53 11.75 24.50
N GLU A 307 12.97 11.06 23.52
CA GLU A 307 13.60 9.89 22.91
C GLU A 307 14.85 10.29 22.12
N ILE A 308 14.84 11.46 21.48
CA ILE A 308 15.98 11.96 20.72
C ILE A 308 17.08 12.43 21.68
N ILE A 309 16.73 13.25 22.69
CA ILE A 309 17.71 13.79 23.63
C ILE A 309 18.31 12.70 24.53
N LYS A 310 17.49 11.67 24.86
CA LYS A 310 17.90 10.53 25.68
C LYS A 310 18.16 9.34 24.77
N SER A 311 19.12 9.55 23.88
CA SER A 311 19.72 8.65 22.87
C SER A 311 21.01 9.28 22.28
N GLN A 312 21.54 10.37 22.90
CA GLN A 312 22.73 11.10 22.50
C GLN A 312 23.88 10.88 23.45
N ASP A 313 25.10 10.99 22.92
CA ASP A 313 26.31 10.88 23.71
C ASP A 313 26.59 12.28 24.30
N LEU A 314 26.64 12.38 25.64
CA LEU A 314 26.82 13.68 26.30
C LEU A 314 28.27 14.00 26.74
N SER A 315 29.28 13.49 26.02
CA SER A 315 30.68 13.74 26.38
C SER A 315 31.45 14.71 25.46
N VAL A 316 30.76 15.32 24.47
CA VAL A 316 31.41 16.24 23.54
C VAL A 316 31.03 17.68 23.89
N VAL A 317 31.99 18.62 23.87
CA VAL A 317 31.67 20.02 24.17
C VAL A 317 30.62 20.59 23.19
N SER A 318 30.80 20.34 21.88
CA SER A 318 29.85 20.79 20.86
C SER A 318 29.87 19.86 19.65
N LYS A 319 28.72 19.24 19.34
CA LYS A 319 28.63 18.38 18.17
C LYS A 319 27.30 18.52 17.43
N VAL A 320 27.29 18.23 16.14
CA VAL A 320 26.07 18.31 15.35
C VAL A 320 25.36 16.96 15.46
N VAL A 321 24.08 16.99 15.83
CA VAL A 321 23.25 15.82 15.98
C VAL A 321 22.21 15.86 14.88
N LYS A 322 22.35 15.00 13.87
CA LYS A 322 21.40 14.97 12.76
C LYS A 322 20.23 14.02 13.02
N VAL A 323 18.98 14.48 12.87
CA VAL A 323 17.79 13.65 13.11
C VAL A 323 16.84 13.78 11.92
N THR A 324 16.22 12.67 11.46
CA THR A 324 15.27 12.78 10.33
C THR A 324 13.86 13.11 10.86
N ILE A 325 13.38 14.33 10.54
CA ILE A 325 12.06 14.85 10.93
C ILE A 325 11.36 15.35 9.66
N ASP A 326 10.10 14.95 9.47
CA ASP A 326 9.27 15.25 8.30
C ASP A 326 9.99 14.90 7.00
N TYR A 327 10.78 13.81 7.01
CA TYR A 327 11.57 13.26 5.89
C TYR A 327 12.87 13.98 5.63
N THR A 328 13.06 15.18 6.19
CA THR A 328 14.30 15.92 5.96
C THR A 328 15.20 15.83 7.20
N GLU A 329 16.52 15.89 7.01
CA GLU A 329 17.48 15.79 8.10
C GLU A 329 17.69 17.10 8.83
N ILE A 330 17.05 17.24 9.99
CA ILE A 330 17.18 18.41 10.83
C ILE A 330 18.41 18.24 11.72
N SER A 331 19.41 19.07 11.48
CA SER A 331 20.67 19.07 12.22
C SER A 331 20.50 19.93 13.45
N PHE A 332 20.86 19.40 14.59
CA PHE A 332 20.74 20.07 15.88
C PHE A 332 22.14 20.34 16.41
N MET A 333 22.25 21.30 17.32
CA MET A 333 23.54 21.58 17.94
C MET A 333 23.45 21.14 19.39
N LEU A 334 24.19 20.10 19.76
CA LEU A 334 24.19 19.59 21.11
C LEU A 334 25.43 20.10 21.84
N TRP A 335 25.23 20.83 22.93
CA TRP A 335 26.33 21.38 23.72
C TRP A 335 26.34 20.75 25.09
N CYS A 336 27.46 20.13 25.49
CA CYS A 336 27.53 19.45 26.78
C CYS A 336 28.65 19.99 27.69
N LYS A 337 28.60 19.64 28.99
CA LYS A 337 29.59 20.05 29.99
C LYS A 337 29.53 19.06 31.14
N ASP A 338 30.63 18.37 31.45
CA ASP A 338 30.73 17.41 32.55
C ASP A 338 29.62 16.33 32.55
N GLY A 339 29.32 15.77 31.38
CA GLY A 339 28.32 14.71 31.24
C GLY A 339 26.87 15.13 31.19
N HIS A 340 26.61 16.42 31.31
CA HIS A 340 25.25 16.94 31.26
C HIS A 340 25.05 17.87 30.06
N VAL A 341 23.82 18.01 29.60
CA VAL A 341 23.51 18.89 28.47
C VAL A 341 23.50 20.34 28.96
N GLU A 342 23.81 21.26 28.06
CA GLU A 342 23.76 22.69 28.32
C GLU A 342 22.65 23.27 27.43
N THR A 343 22.64 22.90 26.13
CA THR A 343 21.63 23.27 25.15
C THR A 343 21.57 22.21 24.04
N PHE A 344 20.43 22.15 23.35
CA PHE A 344 20.16 21.26 22.24
C PHE A 344 19.09 21.95 21.40
N TYR A 345 19.54 22.76 20.45
CA TYR A 345 18.65 23.56 19.61
C TYR A 345 18.69 23.14 18.15
N PRO A 346 17.61 23.36 17.38
CA PRO A 346 17.64 23.03 15.95
C PRO A 346 18.56 24.00 15.20
N LYS A 347 19.86 23.62 15.06
CA LYS A 347 20.97 24.36 14.44
C LYS A 347 20.56 25.22 13.24
N LEU A 348 20.92 26.51 13.28
CA LEU A 348 20.55 27.49 12.26
C LEU A 348 21.45 27.46 11.01
N GLN A 349 20.83 27.31 9.82
CA GLN A 349 21.50 27.29 8.52
C GLN A 349 20.86 28.35 7.60
N ALA B 2 -32.05 -38.61 1.27
CA ALA B 2 -31.82 -40.04 1.45
C ALA B 2 -30.43 -40.44 0.94
N MET B 3 -29.39 -40.01 1.65
CA MET B 3 -27.98 -40.25 1.32
C MET B 3 -27.43 -41.59 1.82
N SER B 4 -26.74 -42.31 0.91
CA SER B 4 -26.12 -43.60 1.20
C SER B 4 -24.87 -43.83 0.36
N LEU B 5 -24.04 -44.79 0.77
CA LEU B 5 -22.80 -45.10 0.05
C LEU B 5 -23.12 -45.60 -1.35
N GLU B 6 -24.12 -46.48 -1.44
CA GLU B 6 -24.61 -47.13 -2.64
C GLU B 6 -25.28 -46.16 -3.59
N ASN B 7 -25.92 -45.11 -3.07
CA ASN B 7 -26.54 -44.08 -3.90
C ASN B 7 -25.44 -43.16 -4.42
N VAL B 8 -24.41 -42.82 -3.61
CA VAL B 8 -23.33 -41.96 -4.09
C VAL B 8 -22.60 -42.68 -5.24
N ALA B 9 -22.32 -43.99 -5.04
CA ALA B 9 -21.68 -44.88 -6.00
C ALA B 9 -22.51 -45.06 -7.25
N PHE B 10 -23.84 -45.06 -7.13
CA PHE B 10 -24.74 -45.18 -8.28
C PHE B 10 -24.58 -43.93 -9.15
N ASN B 11 -24.55 -42.75 -8.53
CA ASN B 11 -24.39 -41.48 -9.21
C ASN B 11 -23.04 -41.42 -9.87
N VAL B 12 -21.99 -41.86 -9.20
CA VAL B 12 -20.65 -41.84 -9.78
C VAL B 12 -20.59 -42.67 -11.06
N VAL B 13 -21.20 -43.87 -11.04
CA VAL B 13 -21.27 -44.82 -12.15
C VAL B 13 -22.08 -44.27 -13.35
N ASN B 14 -23.29 -43.79 -13.10
CA ASN B 14 -24.20 -43.35 -14.14
C ASN B 14 -24.14 -41.87 -14.50
N LYS B 15 -23.49 -41.04 -13.70
CA LYS B 15 -23.45 -39.59 -13.94
C LYS B 15 -22.06 -38.98 -13.94
N GLY B 16 -21.04 -39.73 -13.54
CA GLY B 16 -19.68 -39.18 -13.50
C GLY B 16 -19.28 -38.52 -12.20
N HIS B 17 -20.29 -38.11 -11.42
CA HIS B 17 -20.24 -37.44 -10.13
C HIS B 17 -21.62 -37.54 -9.45
N PHE B 18 -21.73 -37.10 -8.20
CA PHE B 18 -23.02 -37.10 -7.50
C PHE B 18 -23.92 -36.00 -8.10
N ASP B 19 -25.00 -36.43 -8.78
CA ASP B 19 -25.99 -35.57 -9.43
C ASP B 19 -27.38 -35.60 -8.75
N GLY B 20 -27.49 -36.25 -7.60
CA GLY B 20 -28.76 -36.30 -6.86
C GLY B 20 -29.76 -37.33 -7.35
N GLN B 21 -29.36 -38.15 -8.34
CA GLN B 21 -30.21 -39.19 -8.90
C GLN B 21 -30.49 -40.31 -7.90
N GLN B 22 -31.56 -41.06 -8.12
CA GLN B 22 -31.92 -42.14 -7.24
C GLN B 22 -31.51 -43.46 -7.81
N GLY B 23 -31.10 -44.35 -6.94
CA GLY B 23 -30.63 -45.66 -7.32
C GLY B 23 -29.45 -46.10 -6.49
N GLU B 24 -29.13 -47.37 -6.54
CA GLU B 24 -28.05 -47.96 -5.79
C GLU B 24 -27.33 -48.98 -6.65
N VAL B 25 -26.01 -49.13 -6.45
CA VAL B 25 -25.15 -50.13 -7.07
C VAL B 25 -24.42 -50.86 -5.91
N PRO B 26 -24.06 -52.16 -6.06
CA PRO B 26 -23.34 -52.84 -4.97
C PRO B 26 -21.97 -52.23 -4.80
N VAL B 27 -21.60 -51.94 -3.55
CA VAL B 27 -20.30 -51.33 -3.24
C VAL B 27 -19.54 -52.20 -2.24
N SER B 28 -18.22 -52.34 -2.41
CA SER B 28 -17.38 -53.04 -1.46
C SER B 28 -16.20 -52.15 -1.09
N ILE B 29 -15.87 -52.10 0.19
CA ILE B 29 -14.77 -51.29 0.67
C ILE B 29 -13.62 -52.16 1.19
N ILE B 30 -12.51 -52.11 0.47
CA ILE B 30 -11.29 -52.83 0.82
C ILE B 30 -10.22 -51.78 0.85
N ASN B 31 -9.14 -51.94 1.63
N ASN B 31 -9.93 -51.58 2.15
CA ASN B 31 -7.91 -51.10 1.61
CA ASN B 31 -9.05 -50.68 2.84
C ASN B 31 -7.98 -49.65 0.94
C ASN B 31 -9.41 -49.25 2.52
N ASN B 32 -8.76 -48.69 1.54
CA ASN B 32 -8.96 -47.29 1.13
C ASN B 32 -9.51 -47.12 -0.27
N THR B 33 -10.02 -48.20 -0.87
CA THR B 33 -10.55 -48.18 -2.21
C THR B 33 -12.04 -48.52 -2.17
N VAL B 34 -12.81 -47.82 -3.00
CA VAL B 34 -14.23 -48.06 -3.13
C VAL B 34 -14.41 -48.77 -4.46
N TYR B 35 -14.95 -49.99 -4.42
CA TYR B 35 -15.19 -50.80 -5.60
C TYR B 35 -16.69 -50.94 -5.84
N THR B 36 -17.07 -51.27 -7.07
CA THR B 36 -18.46 -51.56 -7.40
C THR B 36 -18.51 -52.82 -8.23
N LYS B 37 -19.54 -53.65 -8.04
CA LYS B 37 -19.69 -54.89 -8.81
C LYS B 37 -20.31 -54.54 -10.16
N VAL B 38 -19.59 -54.77 -11.25
CA VAL B 38 -20.06 -54.53 -12.61
C VAL B 38 -20.04 -55.86 -13.34
N ASP B 39 -21.20 -56.51 -13.47
CA ASP B 39 -21.31 -57.81 -14.15
C ASP B 39 -20.47 -58.90 -13.51
N GLY B 40 -20.40 -58.89 -12.18
CA GLY B 40 -19.67 -59.93 -11.46
C GLY B 40 -18.21 -59.63 -11.17
N VAL B 41 -17.67 -58.51 -11.69
CA VAL B 41 -16.28 -58.12 -11.44
C VAL B 41 -16.22 -56.82 -10.66
N ASP B 42 -15.34 -56.75 -9.65
CA ASP B 42 -15.17 -55.54 -8.86
C ASP B 42 -14.34 -54.50 -9.62
N VAL B 43 -14.93 -53.35 -9.93
CA VAL B 43 -14.30 -52.25 -10.64
C VAL B 43 -13.99 -51.14 -9.65
N GLU B 44 -12.78 -50.57 -9.69
CA GLU B 44 -12.38 -49.51 -8.79
C GLU B 44 -13.06 -48.20 -9.14
N LEU B 45 -13.67 -47.54 -8.15
CA LEU B 45 -14.39 -46.30 -8.34
C LEU B 45 -13.68 -45.09 -7.75
N PHE B 46 -12.93 -45.29 -6.67
CA PHE B 46 -12.25 -44.21 -5.96
C PHE B 46 -11.17 -44.78 -5.04
N GLU B 47 -10.00 -44.14 -5.00
CA GLU B 47 -8.94 -44.52 -4.08
C GLU B 47 -8.70 -43.33 -3.19
N ASN B 48 -8.90 -43.52 -1.90
CA ASN B 48 -8.78 -42.45 -0.92
C ASN B 48 -7.35 -42.03 -0.66
N LYS B 49 -6.98 -40.83 -1.08
CA LYS B 49 -5.65 -40.26 -0.80
C LYS B 49 -5.74 -39.14 0.30
N THR B 50 -6.92 -39.02 0.96
CA THR B 50 -7.25 -38.05 2.00
C THR B 50 -7.00 -38.65 3.40
N THR B 51 -7.04 -37.78 4.42
CA THR B 51 -6.92 -38.14 5.82
C THR B 51 -8.30 -38.47 6.46
N LEU B 52 -9.40 -38.52 5.64
CA LEU B 52 -10.79 -38.79 6.05
C LEU B 52 -11.13 -40.26 5.80
N PRO B 53 -12.16 -40.83 6.47
CA PRO B 53 -12.53 -42.22 6.17
C PRO B 53 -12.88 -42.41 4.70
N VAL B 54 -12.60 -43.58 4.15
CA VAL B 54 -12.75 -43.87 2.72
C VAL B 54 -14.07 -43.46 2.14
N ASN B 55 -15.17 -43.86 2.79
CA ASN B 55 -16.52 -43.59 2.33
C ASN B 55 -16.92 -42.12 2.47
N VAL B 56 -16.36 -41.42 3.48
CA VAL B 56 -16.61 -40.02 3.70
C VAL B 56 -15.90 -39.24 2.58
N ALA B 57 -14.62 -39.55 2.33
CA ALA B 57 -13.88 -38.92 1.25
C ALA B 57 -14.52 -39.20 -0.12
N PHE B 58 -15.05 -40.42 -0.33
CA PHE B 58 -15.69 -40.87 -1.57
C PHE B 58 -16.83 -39.95 -1.90
N GLU B 59 -17.71 -39.71 -0.91
CA GLU B 59 -18.86 -38.83 -0.98
C GLU B 59 -18.47 -37.38 -1.24
N LEU B 60 -17.46 -36.85 -0.53
CA LEU B 60 -17.04 -35.47 -0.76
C LEU B 60 -16.45 -35.30 -2.15
N TRP B 61 -15.73 -36.29 -2.64
CA TRP B 61 -15.19 -36.25 -3.99
C TRP B 61 -16.33 -36.29 -5.00
N ALA B 62 -17.31 -37.20 -4.81
CA ALA B 62 -18.46 -37.29 -5.66
C ALA B 62 -19.24 -35.99 -5.71
N LYS B 63 -19.33 -35.29 -4.57
CA LYS B 63 -20.04 -34.02 -4.40
C LYS B 63 -19.17 -32.77 -4.65
N ARG B 64 -18.03 -32.94 -5.32
CA ARG B 64 -17.12 -31.86 -5.67
C ARG B 64 -17.76 -30.87 -6.64
N ASN B 65 -17.28 -29.64 -6.63
CA ASN B 65 -17.78 -28.59 -7.50
C ASN B 65 -17.23 -28.78 -8.93
N ILE B 66 -18.11 -29.12 -9.88
CA ILE B 66 -17.70 -29.37 -11.27
C ILE B 66 -17.89 -28.13 -12.18
N LYS B 67 -17.87 -26.92 -11.58
CA LYS B 67 -17.97 -25.63 -12.29
C LYS B 67 -16.62 -24.93 -12.13
N PRO B 68 -16.21 -23.97 -13.00
CA PRO B 68 -14.91 -23.30 -12.78
C PRO B 68 -14.93 -22.61 -11.41
N VAL B 69 -14.01 -22.98 -10.53
CA VAL B 69 -13.99 -22.38 -9.19
C VAL B 69 -12.64 -21.68 -8.96
N PRO B 70 -12.54 -20.71 -8.01
CA PRO B 70 -11.23 -20.11 -7.71
C PRO B 70 -10.17 -21.18 -7.37
N GLU B 71 -8.91 -20.92 -7.72
CA GLU B 71 -7.86 -21.88 -7.41
C GLU B 71 -7.62 -21.88 -5.92
N VAL B 72 -7.29 -23.03 -5.33
CA VAL B 72 -7.10 -23.15 -3.89
C VAL B 72 -6.09 -22.16 -3.33
N LYS B 73 -5.03 -21.80 -4.11
CA LYS B 73 -4.10 -20.75 -3.66
C LYS B 73 -4.84 -19.42 -3.40
N ILE B 74 -5.75 -18.98 -4.30
CA ILE B 74 -6.52 -17.75 -4.10
C ILE B 74 -7.40 -17.82 -2.86
N LEU B 75 -8.11 -18.94 -2.68
CA LEU B 75 -8.99 -19.18 -1.56
C LEU B 75 -8.26 -19.24 -0.23
N ASN B 76 -7.03 -19.76 -0.20
CA ASN B 76 -6.24 -19.80 1.01
C ASN B 76 -5.76 -18.40 1.29
N ASN B 77 -5.26 -17.69 0.26
CA ASN B 77 -4.75 -16.33 0.39
C ASN B 77 -5.76 -15.38 0.95
N LEU B 78 -7.04 -15.58 0.60
CA LEU B 78 -8.18 -14.82 1.13
C LEU B 78 -8.75 -15.34 2.44
N GLY B 79 -8.04 -16.26 3.08
CA GLY B 79 -8.33 -16.87 4.38
C GLY B 79 -9.63 -17.63 4.52
N VAL B 80 -10.07 -18.35 3.47
CA VAL B 80 -11.32 -19.12 3.49
C VAL B 80 -11.17 -20.37 4.34
N ASP B 81 -12.16 -20.70 5.16
CA ASP B 81 -12.09 -21.88 6.01
C ASP B 81 -12.96 -23.00 5.48
N ILE B 82 -14.13 -22.65 4.98
CA ILE B 82 -15.15 -23.61 4.57
C ILE B 82 -15.91 -23.08 3.35
N ALA B 83 -16.55 -23.95 2.59
CA ALA B 83 -17.34 -23.55 1.44
C ALA B 83 -18.80 -23.76 1.78
N ALA B 84 -19.65 -22.87 1.29
CA ALA B 84 -21.06 -22.95 1.58
C ALA B 84 -21.81 -23.79 0.57
N ASN B 85 -22.36 -24.92 1.03
CA ASN B 85 -23.21 -25.81 0.25
C ASN B 85 -22.57 -26.35 -1.00
N THR B 86 -21.27 -26.67 -0.93
CA THR B 86 -20.46 -27.25 -2.00
C THR B 86 -19.17 -27.82 -1.44
N VAL B 87 -18.44 -28.62 -2.26
CA VAL B 87 -17.14 -29.14 -1.91
C VAL B 87 -16.15 -28.61 -2.92
N ILE B 88 -15.21 -27.78 -2.45
CA ILE B 88 -14.12 -27.34 -3.30
C ILE B 88 -13.09 -28.48 -3.16
N TRP B 89 -12.78 -29.12 -4.29
CA TRP B 89 -11.85 -30.23 -4.28
C TRP B 89 -10.47 -29.72 -4.63
N ASP B 90 -9.51 -30.09 -3.79
CA ASP B 90 -8.11 -29.74 -3.97
C ASP B 90 -7.46 -30.86 -4.78
N TYR B 91 -7.35 -30.66 -6.09
CA TYR B 91 -6.77 -31.67 -6.98
C TYR B 91 -5.25 -31.77 -6.79
N LYS B 92 -4.60 -30.72 -6.29
CA LYS B 92 -3.15 -30.77 -6.03
C LYS B 92 -2.84 -31.63 -4.81
N ARG B 93 -3.82 -31.84 -3.89
CA ARG B 93 -3.69 -32.67 -2.70
C ARG B 93 -4.56 -33.92 -2.71
N ASP B 94 -5.39 -34.12 -3.76
CA ASP B 94 -6.31 -35.25 -3.88
C ASP B 94 -7.19 -35.37 -2.65
N ALA B 95 -7.68 -34.23 -2.15
CA ALA B 95 -8.51 -34.17 -0.95
C ALA B 95 -9.36 -32.92 -0.98
N PRO B 96 -10.43 -32.83 -0.13
CA PRO B 96 -11.21 -31.58 -0.11
C PRO B 96 -10.33 -30.42 0.31
N ALA B 97 -10.62 -29.22 -0.21
CA ALA B 97 -9.86 -28.04 0.18
C ALA B 97 -10.12 -27.73 1.66
N HIS B 98 -11.30 -28.11 2.21
CA HIS B 98 -11.77 -27.89 3.59
C HIS B 98 -12.21 -29.25 4.21
N ILE B 99 -11.82 -29.55 5.46
CA ILE B 99 -12.20 -30.85 6.06
C ILE B 99 -13.68 -30.89 6.54
N SER B 100 -14.28 -29.71 6.77
CA SER B 100 -15.66 -29.59 7.23
C SER B 100 -16.53 -28.97 6.17
N THR B 101 -17.79 -29.44 6.07
CA THR B 101 -18.71 -28.95 5.05
C THR B 101 -19.96 -28.24 5.65
N ILE B 102 -20.72 -27.53 4.79
CA ILE B 102 -21.97 -26.89 5.13
C ILE B 102 -23.01 -27.39 4.12
N GLY B 103 -23.89 -28.28 4.57
CA GLY B 103 -24.94 -28.84 3.74
C GLY B 103 -24.50 -29.75 2.61
N VAL B 104 -23.48 -30.59 2.86
CA VAL B 104 -22.94 -31.52 1.86
C VAL B 104 -22.99 -33.00 2.30
N CYS B 105 -22.36 -33.34 3.42
CA CYS B 105 -22.21 -34.72 3.88
C CYS B 105 -22.54 -34.76 5.37
N SER B 106 -23.39 -35.69 5.82
CA SER B 106 -23.75 -35.77 7.23
C SER B 106 -22.57 -35.99 8.16
N MET B 107 -21.50 -36.61 7.65
CA MET B 107 -20.30 -36.89 8.46
C MET B 107 -19.39 -35.67 8.61
N THR B 108 -19.33 -34.79 7.61
CA THR B 108 -18.46 -33.61 7.68
C THR B 108 -19.19 -32.29 7.95
N ASP B 109 -20.51 -32.30 7.87
CA ASP B 109 -21.31 -31.12 8.06
C ASP B 109 -21.24 -30.59 9.45
N ILE B 110 -20.81 -29.33 9.60
CA ILE B 110 -20.86 -28.60 10.87
C ILE B 110 -22.22 -27.89 11.03
N ALA B 111 -22.91 -27.66 9.89
CA ALA B 111 -24.18 -26.98 9.78
C ALA B 111 -24.84 -27.36 8.45
N LYS B 112 -26.17 -27.23 8.36
CA LYS B 112 -26.91 -27.45 7.11
C LYS B 112 -26.97 -26.14 6.27
N LYS B 113 -26.92 -24.97 6.94
CA LYS B 113 -26.98 -23.67 6.28
C LYS B 113 -25.88 -22.75 6.84
N PRO B 114 -25.23 -21.92 5.99
CA PRO B 114 -24.16 -21.02 6.50
C PRO B 114 -24.61 -19.96 7.51
N THR B 115 -25.93 -19.79 7.67
CA THR B 115 -26.56 -18.87 8.63
C THR B 115 -26.44 -19.37 10.07
N GLU B 116 -26.14 -20.67 10.28
CA GLU B 116 -26.02 -21.25 11.63
C GLU B 116 -24.88 -20.58 12.42
N THR B 117 -25.07 -20.42 13.73
CA THR B 117 -24.11 -19.69 14.56
C THR B 117 -22.72 -20.35 14.64
N ILE B 118 -22.61 -21.63 14.27
CA ILE B 118 -21.31 -22.32 14.26
C ILE B 118 -20.40 -21.72 13.15
N CYS B 119 -21.00 -21.30 12.02
CA CYS B 119 -20.29 -20.72 10.88
C CYS B 119 -19.82 -19.30 11.11
N ALA B 120 -20.44 -18.59 12.08
CA ALA B 120 -20.14 -17.19 12.41
C ALA B 120 -18.64 -16.84 12.41
N PRO B 121 -17.74 -17.56 13.13
CA PRO B 121 -16.32 -17.19 13.09
C PRO B 121 -15.51 -17.69 11.89
N LEU B 122 -16.15 -18.42 10.96
CA LEU B 122 -15.46 -18.97 9.80
C LEU B 122 -15.65 -18.12 8.59
N THR B 123 -14.61 -18.00 7.77
CA THR B 123 -14.70 -17.24 6.53
C THR B 123 -15.28 -18.19 5.50
N VAL B 124 -16.59 -18.16 5.34
CA VAL B 124 -17.31 -19.05 4.45
C VAL B 124 -17.21 -18.57 3.02
N PHE B 125 -16.98 -19.48 2.07
CA PHE B 125 -16.90 -19.12 0.66
C PHE B 125 -18.27 -19.25 0.08
N PHE B 126 -18.76 -18.19 -0.60
CA PHE B 126 -20.06 -18.14 -1.25
C PHE B 126 -19.87 -17.97 -2.76
N ASP B 127 -20.57 -18.78 -3.54
CA ASP B 127 -20.52 -18.74 -5.00
C ASP B 127 -21.75 -17.98 -5.49
N GLY B 128 -21.56 -16.76 -5.97
CA GLY B 128 -22.61 -15.89 -6.49
C GLY B 128 -23.43 -16.48 -7.62
N ARG B 129 -22.86 -17.42 -8.35
CA ARG B 129 -23.56 -18.09 -9.44
C ARG B 129 -24.68 -19.04 -8.94
N VAL B 130 -24.72 -19.33 -7.64
CA VAL B 130 -25.76 -20.15 -7.04
C VAL B 130 -26.82 -19.21 -6.45
N ASP B 131 -28.11 -19.52 -6.66
CA ASP B 131 -29.19 -18.69 -6.15
C ASP B 131 -29.14 -18.54 -4.63
N GLY B 132 -29.23 -17.28 -4.18
CA GLY B 132 -29.25 -16.95 -2.77
C GLY B 132 -27.92 -16.87 -2.07
N GLN B 133 -26.83 -17.18 -2.77
CA GLN B 133 -25.50 -17.15 -2.18
C GLN B 133 -24.98 -15.74 -1.97
N VAL B 134 -25.38 -14.79 -2.82
CA VAL B 134 -24.96 -13.39 -2.63
C VAL B 134 -25.66 -12.85 -1.38
N ASP B 135 -26.94 -13.16 -1.18
CA ASP B 135 -27.69 -12.73 0.01
C ASP B 135 -27.13 -13.33 1.29
N LEU B 136 -26.63 -14.56 1.22
CA LEU B 136 -26.02 -15.24 2.35
C LEU B 136 -24.70 -14.59 2.71
N PHE B 137 -23.95 -14.08 1.72
CA PHE B 137 -22.68 -13.38 1.97
C PHE B 137 -22.96 -12.11 2.77
N ARG B 138 -24.03 -11.38 2.41
CA ARG B 138 -24.47 -10.17 3.07
C ARG B 138 -24.83 -10.43 4.52
N ASN B 139 -25.43 -11.59 4.81
CA ASN B 139 -25.85 -11.93 6.16
C ASN B 139 -24.74 -12.58 7.01
N ALA B 140 -23.72 -13.17 6.38
CA ALA B 140 -22.63 -13.82 7.11
C ALA B 140 -21.64 -12.83 7.69
N ARG B 141 -21.08 -13.17 8.88
CA ARG B 141 -20.11 -12.34 9.59
C ARG B 141 -18.79 -12.33 8.83
N ASN B 142 -18.21 -13.50 8.56
CA ASN B 142 -16.98 -13.58 7.77
C ASN B 142 -17.26 -14.37 6.48
N GLY B 143 -16.65 -13.97 5.38
CA GLY B 143 -16.83 -14.66 4.12
C GLY B 143 -16.14 -14.08 2.92
N VAL B 144 -16.07 -14.86 1.85
CA VAL B 144 -15.53 -14.49 0.55
C VAL B 144 -16.60 -14.79 -0.48
N LEU B 145 -16.85 -13.88 -1.41
CA LEU B 145 -17.87 -14.06 -2.42
C LEU B 145 -17.29 -13.89 -3.81
N ILE B 146 -17.60 -14.82 -4.72
CA ILE B 146 -17.22 -14.69 -6.13
C ILE B 146 -18.50 -14.45 -6.93
N THR B 147 -18.49 -13.53 -7.89
CA THR B 147 -19.65 -13.30 -8.73
C THR B 147 -19.22 -13.11 -10.19
N GLU B 148 -20.11 -13.44 -11.12
CA GLU B 148 -19.84 -13.22 -12.54
C GLU B 148 -20.11 -11.75 -12.91
N GLY B 149 -21.10 -11.13 -12.27
CA GLY B 149 -21.45 -9.74 -12.52
C GLY B 149 -21.25 -8.82 -11.33
N SER B 150 -21.94 -7.66 -11.38
CA SER B 150 -21.83 -6.68 -10.32
C SER B 150 -22.84 -6.91 -9.22
N VAL B 151 -22.43 -6.63 -7.98
CA VAL B 151 -23.27 -6.78 -6.80
C VAL B 151 -23.66 -5.39 -6.29
N LYS B 152 -24.96 -5.18 -6.00
CA LYS B 152 -25.52 -3.91 -5.58
C LYS B 152 -24.80 -3.29 -4.38
N GLY B 153 -24.23 -2.10 -4.58
CA GLY B 153 -23.55 -1.37 -3.52
C GLY B 153 -22.13 -1.78 -3.29
N LEU B 154 -21.86 -3.10 -3.34
CA LEU B 154 -20.55 -3.69 -3.12
C LEU B 154 -19.57 -3.36 -4.21
N GLN B 155 -18.37 -2.93 -3.79
CA GLN B 155 -17.22 -2.62 -4.67
C GLN B 155 -16.41 -3.89 -4.92
N PRO B 156 -16.28 -4.28 -6.20
CA PRO B 156 -15.63 -5.53 -6.53
C PRO B 156 -14.12 -5.46 -6.60
N SER B 157 -13.50 -6.64 -6.60
CA SER B 157 -12.07 -6.82 -6.81
C SER B 157 -12.00 -7.78 -7.98
N VAL B 158 -11.42 -7.36 -9.12
CA VAL B 158 -11.35 -8.25 -10.28
C VAL B 158 -10.26 -9.28 -10.03
N GLY B 159 -10.64 -10.56 -10.05
CA GLY B 159 -9.72 -11.64 -9.76
C GLY B 159 -8.90 -12.10 -10.95
N PRO B 160 -8.28 -13.30 -10.86
CA PRO B 160 -7.46 -13.80 -11.97
C PRO B 160 -8.30 -14.15 -13.19
N LYS B 161 -7.67 -14.11 -14.38
CA LYS B 161 -8.37 -14.50 -15.61
C LYS B 161 -8.76 -15.98 -15.57
N GLN B 162 -7.94 -16.81 -14.88
CA GLN B 162 -8.07 -18.26 -14.76
C GLN B 162 -8.74 -18.77 -13.47
N ALA B 163 -9.51 -19.86 -13.63
CA ALA B 163 -10.18 -20.60 -12.57
C ALA B 163 -9.85 -22.08 -12.83
N SER B 164 -10.09 -22.95 -11.84
CA SER B 164 -9.81 -24.37 -11.97
C SER B 164 -11.09 -25.15 -12.30
N LEU B 165 -11.18 -25.72 -13.51
CA LEU B 165 -12.34 -26.52 -13.86
C LEU B 165 -11.97 -28.00 -13.81
N ASN B 166 -12.43 -28.71 -12.77
CA ASN B 166 -12.13 -30.12 -12.57
C ASN B 166 -10.63 -30.40 -12.57
N GLY B 167 -9.88 -29.57 -11.85
CA GLY B 167 -8.44 -29.72 -11.75
C GLY B 167 -7.65 -29.13 -12.90
N VAL B 168 -8.34 -28.77 -13.98
CA VAL B 168 -7.72 -28.19 -15.16
C VAL B 168 -7.80 -26.69 -15.03
N THR B 169 -6.70 -26.03 -14.70
CA THR B 169 -6.68 -24.58 -14.61
C THR B 169 -6.70 -24.04 -16.04
N LEU B 170 -7.63 -23.10 -16.31
CA LEU B 170 -7.79 -22.56 -17.64
C LEU B 170 -8.41 -21.18 -17.61
N ILE B 171 -8.26 -20.42 -18.70
CA ILE B 171 -8.93 -19.15 -18.91
C ILE B 171 -10.08 -19.49 -19.85
N GLY B 172 -11.29 -19.31 -19.33
CA GLY B 172 -12.51 -19.68 -19.99
C GLY B 172 -12.82 -19.00 -21.30
N GLU B 173 -13.23 -19.81 -22.27
CA GLU B 173 -13.68 -19.40 -23.60
C GLU B 173 -15.17 -19.76 -23.71
N ALA B 174 -15.54 -20.98 -23.34
CA ALA B 174 -16.92 -21.43 -23.35
C ALA B 174 -17.61 -21.18 -21.98
N VAL B 175 -16.83 -20.90 -20.91
CA VAL B 175 -17.27 -20.61 -19.55
C VAL B 175 -16.61 -19.32 -19.04
N LYS B 176 -17.15 -18.72 -17.98
CA LYS B 176 -16.52 -17.55 -17.39
C LYS B 176 -15.66 -18.04 -16.24
N THR B 177 -14.38 -17.65 -16.25
CA THR B 177 -13.42 -18.04 -15.20
C THR B 177 -12.89 -16.83 -14.40
N GLN B 178 -13.08 -15.59 -14.89
CA GLN B 178 -12.68 -14.37 -14.18
C GLN B 178 -13.83 -13.91 -13.27
N PHE B 179 -13.60 -13.87 -11.94
CA PHE B 179 -14.66 -13.51 -11.00
C PHE B 179 -14.42 -12.19 -10.32
N ASN B 180 -15.50 -11.58 -9.84
CA ASN B 180 -15.41 -10.41 -8.99
C ASN B 180 -15.31 -11.01 -7.57
N TYR B 181 -14.36 -10.53 -6.76
CA TYR B 181 -14.18 -11.04 -5.40
C TYR B 181 -14.62 -9.99 -4.38
N TYR B 182 -15.23 -10.46 -3.30
CA TYR B 182 -15.68 -9.63 -2.19
C TYR B 182 -15.29 -10.35 -0.89
N LYS B 183 -14.89 -9.62 0.15
CA LYS B 183 -14.51 -10.25 1.44
C LYS B 183 -15.14 -9.48 2.61
N LYS B 184 -15.49 -10.19 3.69
CA LYS B 184 -16.09 -9.59 4.87
C LYS B 184 -15.38 -10.15 6.09
N VAL B 185 -15.00 -9.29 7.02
CA VAL B 185 -14.35 -9.71 8.24
C VAL B 185 -15.13 -9.07 9.38
N ASP B 186 -15.66 -9.87 10.31
CA ASP B 186 -16.46 -9.41 11.45
C ASP B 186 -17.62 -8.51 11.07
N GLY B 187 -18.29 -8.87 9.98
CA GLY B 187 -19.46 -8.19 9.44
C GLY B 187 -19.16 -7.02 8.53
N VAL B 188 -17.88 -6.62 8.43
CA VAL B 188 -17.48 -5.45 7.67
C VAL B 188 -16.92 -5.77 6.30
N VAL B 189 -17.54 -5.25 5.21
CA VAL B 189 -17.06 -5.48 3.84
C VAL B 189 -15.70 -4.86 3.68
N GLN B 190 -14.68 -5.69 3.49
CA GLN B 190 -13.31 -5.29 3.34
C GLN B 190 -12.99 -4.72 1.95
N GLN B 191 -11.95 -3.87 1.88
CA GLN B 191 -11.47 -3.33 0.62
C GLN B 191 -10.28 -4.18 0.26
N LEU B 192 -10.40 -5.06 -0.74
CA LEU B 192 -9.30 -5.98 -1.09
C LEU B 192 -8.10 -5.24 -1.68
N PRO B 193 -6.85 -5.69 -1.41
CA PRO B 193 -5.69 -4.93 -1.90
C PRO B 193 -5.45 -4.98 -3.40
N GLU B 194 -4.61 -4.05 -3.90
CA GLU B 194 -4.15 -4.02 -5.30
C GLU B 194 -3.23 -5.21 -5.37
N THR B 195 -3.48 -6.14 -6.31
CA THR B 195 -2.66 -7.34 -6.37
C THR B 195 -2.26 -7.74 -7.78
N TYR B 196 -1.13 -8.45 -7.84
CA TYR B 196 -0.63 -9.10 -9.04
C TYR B 196 -1.22 -10.51 -8.99
N PHE B 197 -1.26 -11.20 -10.13
CA PHE B 197 -1.69 -12.58 -10.14
C PHE B 197 -0.62 -13.47 -10.76
N THR B 198 -0.46 -14.69 -10.18
CA THR B 198 0.41 -15.70 -10.76
C THR B 198 -0.39 -16.27 -11.96
N GLN B 199 0.30 -16.75 -12.99
CA GLN B 199 -0.34 -17.22 -14.21
C GLN B 199 -0.75 -18.69 -14.20
N SER B 200 -0.36 -19.46 -13.17
CA SER B 200 -0.71 -20.88 -13.00
C SER B 200 -0.41 -21.75 -14.23
N ARG B 201 0.83 -21.66 -14.73
CA ARG B 201 1.27 -22.43 -15.90
C ARG B 201 2.08 -23.66 -15.54
N ASN B 202 2.09 -24.65 -16.45
CA ASN B 202 2.88 -25.86 -16.26
C ASN B 202 4.25 -25.65 -16.86
N LEU B 203 5.24 -26.35 -16.32
CA LEU B 203 6.60 -26.27 -16.81
C LEU B 203 6.66 -26.94 -18.22
N GLN B 204 5.99 -28.09 -18.37
CA GLN B 204 5.95 -28.86 -19.59
C GLN B 204 4.94 -28.30 -20.62
N GLU B 205 3.92 -27.59 -20.17
CA GLU B 205 2.89 -27.03 -21.06
C GLU B 205 2.91 -25.49 -21.09
N PHE B 206 4.10 -24.88 -20.97
CA PHE B 206 4.20 -23.43 -20.91
C PHE B 206 3.95 -22.69 -22.22
N LYS B 207 3.13 -21.63 -22.15
CA LYS B 207 2.79 -20.78 -23.28
C LYS B 207 2.98 -19.31 -22.89
N PRO B 208 3.72 -18.52 -23.69
CA PRO B 208 3.91 -17.11 -23.35
C PRO B 208 2.60 -16.32 -23.44
N ARG B 209 2.41 -15.34 -22.55
CA ARG B 209 1.18 -14.55 -22.52
C ARG B 209 1.40 -13.05 -22.70
N SER B 210 2.49 -12.67 -23.37
CA SER B 210 2.88 -11.29 -23.67
C SER B 210 4.06 -11.28 -24.65
N GLN B 211 4.27 -10.18 -25.38
CA GLN B 211 5.39 -10.09 -26.31
C GLN B 211 6.74 -10.25 -25.61
N MET B 212 6.86 -9.77 -24.37
CA MET B 212 8.09 -9.90 -23.59
C MET B 212 8.41 -11.38 -23.31
N GLU B 213 7.36 -12.19 -23.06
CA GLU B 213 7.50 -13.62 -22.81
C GLU B 213 7.81 -14.38 -24.09
N ILE B 214 7.23 -13.94 -25.24
CA ILE B 214 7.49 -14.50 -26.57
C ILE B 214 8.96 -14.24 -26.95
N ASP B 215 9.48 -13.05 -26.61
CA ASP B 215 10.86 -12.64 -26.85
C ASP B 215 11.83 -13.33 -25.90
N PHE B 216 11.43 -13.57 -24.64
CA PHE B 216 12.29 -14.25 -23.67
C PHE B 216 12.64 -15.67 -24.12
N LEU B 217 11.65 -16.43 -24.59
CA LEU B 217 11.82 -17.80 -25.02
C LEU B 217 12.49 -17.92 -26.38
N GLU B 218 12.32 -16.92 -27.26
CA GLU B 218 12.92 -16.97 -28.59
C GLU B 218 14.33 -16.41 -28.63
N LEU B 219 14.54 -15.18 -28.10
CA LEU B 219 15.86 -14.55 -28.09
C LEU B 219 16.83 -15.21 -27.10
N ALA B 220 18.14 -14.97 -27.30
CA ALA B 220 19.18 -15.47 -26.40
C ALA B 220 19.28 -14.53 -25.17
N MET B 221 19.93 -14.98 -24.08
CA MET B 221 20.07 -14.19 -22.86
C MET B 221 20.57 -12.76 -23.09
N ASP B 222 21.69 -12.61 -23.81
CA ASP B 222 22.30 -11.32 -24.08
C ASP B 222 21.44 -10.38 -24.93
N GLU B 223 20.69 -10.95 -25.89
CA GLU B 223 19.85 -10.19 -26.80
C GLU B 223 18.61 -9.68 -26.09
N PHE B 224 17.97 -10.54 -25.27
CA PHE B 224 16.75 -10.18 -24.56
C PHE B 224 17.01 -9.07 -23.55
N ILE B 225 18.06 -9.23 -22.75
CA ILE B 225 18.44 -8.25 -21.73
C ILE B 225 18.77 -6.88 -22.38
N GLU B 226 19.34 -6.90 -23.60
CA GLU B 226 19.68 -5.69 -24.35
C GLU B 226 18.40 -5.04 -24.90
N ARG B 227 17.50 -5.85 -25.49
CA ARG B 227 16.24 -5.39 -26.07
C ARG B 227 15.33 -4.74 -25.03
N TYR B 228 15.24 -5.35 -23.84
CA TYR B 228 14.37 -4.83 -22.79
C TYR B 228 15.10 -3.97 -21.75
N LYS B 229 16.37 -3.60 -22.01
CA LYS B 229 17.22 -2.73 -21.16
C LYS B 229 17.22 -3.16 -19.70
N LEU B 230 17.46 -4.46 -19.48
CA LEU B 230 17.47 -5.05 -18.15
C LEU B 230 18.88 -5.26 -17.61
N GLU B 231 19.84 -4.42 -18.02
CA GLU B 231 21.21 -4.53 -17.54
C GLU B 231 21.30 -4.08 -16.07
N GLY B 232 21.95 -4.89 -15.24
CA GLY B 232 22.09 -4.57 -13.82
C GLY B 232 20.98 -5.06 -12.92
N TYR B 233 19.95 -5.71 -13.50
CA TYR B 233 18.82 -6.23 -12.73
C TYR B 233 18.93 -7.72 -12.36
N ALA B 234 20.10 -8.35 -12.63
CA ALA B 234 20.44 -9.74 -12.33
C ALA B 234 19.51 -10.81 -12.94
N PHE B 235 18.94 -10.54 -14.13
CA PHE B 235 18.05 -11.52 -14.80
C PHE B 235 18.76 -12.80 -15.18
N GLU B 236 20.09 -12.71 -15.44
CA GLU B 236 20.98 -13.82 -15.78
C GLU B 236 21.05 -14.88 -14.66
N HIS B 237 20.89 -14.45 -13.42
CA HIS B 237 20.90 -15.31 -12.26
C HIS B 237 19.45 -15.65 -11.83
N ILE B 238 18.62 -14.61 -11.57
CA ILE B 238 17.22 -14.73 -11.10
C ILE B 238 16.31 -15.53 -12.03
N VAL B 239 16.21 -15.12 -13.31
CA VAL B 239 15.26 -15.73 -14.23
C VAL B 239 15.86 -16.91 -15.00
N TYR B 240 17.03 -16.69 -15.65
CA TYR B 240 17.74 -17.67 -16.47
C TYR B 240 18.35 -18.85 -15.70
N GLY B 241 18.97 -18.56 -14.56
CA GLY B 241 19.62 -19.58 -13.74
C GLY B 241 21.12 -19.57 -13.85
N ASP B 242 21.80 -20.18 -12.88
CA ASP B 242 23.26 -20.28 -12.84
C ASP B 242 23.66 -21.71 -12.43
N PHE B 243 23.81 -22.58 -13.44
CA PHE B 243 24.11 -23.99 -13.22
C PHE B 243 25.61 -24.32 -13.27
N SER B 244 26.48 -23.31 -13.14
CA SER B 244 27.92 -23.52 -13.21
C SER B 244 28.52 -24.14 -11.94
N HIS B 245 27.95 -23.83 -10.76
CA HIS B 245 28.44 -24.36 -9.48
C HIS B 245 27.56 -25.52 -8.96
N SER B 246 28.04 -26.24 -7.92
CA SER B 246 27.29 -27.37 -7.33
C SER B 246 25.95 -26.98 -6.71
N GLN B 247 25.76 -25.69 -6.44
CA GLN B 247 24.50 -25.19 -5.95
C GLN B 247 23.89 -24.31 -7.05
N LEU B 248 22.67 -24.68 -7.49
CA LEU B 248 21.93 -23.99 -8.54
C LEU B 248 21.69 -22.56 -8.12
N GLY B 249 22.04 -21.63 -8.99
CA GLY B 249 21.86 -20.23 -8.70
C GLY B 249 20.59 -19.65 -9.28
N GLY B 250 19.75 -19.10 -8.41
CA GLY B 250 18.52 -18.48 -8.85
C GLY B 250 17.49 -19.43 -9.41
N LEU B 251 16.87 -19.05 -10.56
CA LEU B 251 15.81 -19.80 -11.24
C LEU B 251 14.53 -19.70 -10.40
N HIS B 252 14.11 -18.46 -10.14
CA HIS B 252 12.93 -18.21 -9.32
C HIS B 252 11.67 -17.94 -10.12
N LEU B 253 11.79 -17.71 -11.43
CA LEU B 253 10.64 -17.44 -12.27
C LEU B 253 10.42 -18.62 -13.18
N LEU B 254 9.16 -19.10 -13.25
CA LEU B 254 8.77 -20.27 -14.03
C LEU B 254 9.05 -20.13 -15.53
N ILE B 255 9.06 -18.90 -16.08
CA ILE B 255 9.37 -18.71 -17.49
C ILE B 255 10.80 -19.14 -17.80
N GLY B 256 11.72 -18.89 -16.88
CA GLY B 256 13.11 -19.28 -17.02
C GLY B 256 13.31 -20.78 -16.83
N LEU B 257 12.46 -21.40 -16.02
CA LEU B 257 12.47 -22.84 -15.82
C LEU B 257 11.97 -23.51 -17.12
N ALA B 258 10.93 -22.94 -17.75
CA ALA B 258 10.35 -23.47 -18.97
C ALA B 258 11.32 -23.33 -20.13
N LYS B 259 12.06 -22.19 -20.20
CA LYS B 259 13.04 -21.99 -21.27
C LYS B 259 14.17 -23.04 -21.14
N ARG B 260 14.60 -23.30 -19.89
CA ARG B 260 15.63 -24.26 -19.54
C ARG B 260 15.20 -25.70 -19.85
N PHE B 261 13.93 -26.03 -19.60
CA PHE B 261 13.33 -27.35 -19.78
C PHE B 261 13.35 -27.87 -21.22
N LYS B 262 13.27 -26.97 -22.21
CA LYS B 262 13.30 -27.36 -23.62
C LYS B 262 14.70 -27.87 -23.98
N GLU B 263 15.76 -27.24 -23.42
CA GLU B 263 17.15 -27.60 -23.68
C GLU B 263 17.56 -28.83 -22.86
N SER B 264 17.54 -28.71 -21.52
CA SER B 264 17.95 -29.75 -20.59
C SER B 264 16.81 -30.10 -19.66
N PRO B 265 16.56 -31.40 -19.48
CA PRO B 265 15.53 -31.80 -18.49
C PRO B 265 16.08 -31.65 -17.06
N PHE B 266 15.20 -31.59 -16.07
CA PHE B 266 15.61 -31.49 -14.67
C PHE B 266 14.54 -32.01 -13.74
N GLU B 267 14.96 -32.44 -12.55
CA GLU B 267 14.06 -32.98 -11.58
C GLU B 267 13.56 -31.91 -10.64
N LEU B 268 12.26 -31.62 -10.66
CA LEU B 268 11.68 -30.70 -9.70
C LEU B 268 11.00 -31.55 -8.63
N GLU B 269 11.56 -31.61 -7.42
CA GLU B 269 10.92 -32.39 -6.35
C GLU B 269 10.00 -31.48 -5.54
N ASP B 270 8.71 -31.59 -5.80
CA ASP B 270 7.68 -30.84 -5.10
C ASP B 270 7.54 -31.48 -3.71
N PHE B 271 8.37 -31.08 -2.73
CA PHE B 271 8.39 -31.69 -1.40
C PHE B 271 7.18 -31.31 -0.50
N ILE B 272 6.40 -30.31 -0.89
CA ILE B 272 5.16 -29.95 -0.20
C ILE B 272 4.08 -29.89 -1.27
N PRO B 273 3.46 -31.03 -1.64
CA PRO B 273 2.46 -31.00 -2.72
C PRO B 273 1.14 -30.35 -2.30
N MET B 274 1.00 -29.09 -2.69
CA MET B 274 -0.16 -28.28 -2.41
C MET B 274 -0.13 -27.06 -3.32
N ASP B 275 -1.24 -26.33 -3.41
CA ASP B 275 -1.31 -25.15 -4.24
C ASP B 275 -0.89 -23.94 -3.44
N SER B 276 0.12 -23.23 -3.93
CA SER B 276 0.54 -21.99 -3.30
C SER B 276 1.04 -20.97 -4.32
N THR B 277 1.03 -19.67 -3.92
CA THR B 277 1.49 -18.58 -4.78
C THR B 277 2.97 -18.78 -5.12
N VAL B 278 3.77 -19.09 -4.09
CA VAL B 278 5.18 -19.45 -4.30
C VAL B 278 5.37 -20.94 -4.02
N LYS B 279 5.85 -21.69 -5.01
CA LYS B 279 6.08 -23.14 -4.86
C LYS B 279 7.54 -23.43 -4.59
N ASN B 280 7.87 -24.38 -3.69
CA ASN B 280 9.28 -24.72 -3.42
C ASN B 280 9.60 -26.06 -4.02
N TYR B 281 10.78 -26.20 -4.64
CA TYR B 281 11.18 -27.47 -5.25
C TYR B 281 12.60 -27.81 -4.95
N PHE B 282 12.88 -29.09 -4.74
CA PHE B 282 14.25 -29.56 -4.58
C PHE B 282 14.64 -29.87 -6.03
N ILE B 283 15.34 -28.94 -6.70
CA ILE B 283 15.71 -29.13 -8.10
C ILE B 283 17.11 -29.76 -8.28
N THR B 284 17.26 -30.63 -9.29
CA THR B 284 18.50 -31.29 -9.67
C THR B 284 18.57 -31.17 -11.20
N ASP B 285 19.57 -30.46 -11.74
CA ASP B 285 19.71 -30.31 -13.18
C ASP B 285 20.44 -31.52 -13.78
N ALA B 286 19.80 -32.27 -14.68
CA ALA B 286 20.35 -33.48 -15.25
C ALA B 286 21.60 -33.28 -16.13
N GLN B 287 21.73 -32.12 -16.79
CA GLN B 287 22.90 -31.87 -17.65
C GLN B 287 24.15 -31.52 -16.83
N THR B 288 24.11 -30.45 -16.02
CA THR B 288 25.24 -30.01 -15.23
C THR B 288 25.44 -30.75 -13.92
N GLY B 289 24.36 -31.09 -13.25
CA GLY B 289 24.43 -31.70 -11.93
C GLY B 289 24.35 -30.66 -10.83
N SER B 290 23.84 -29.47 -11.15
CA SER B 290 23.66 -28.38 -10.20
C SER B 290 22.38 -28.68 -9.43
N SER B 291 22.36 -28.41 -8.10
CA SER B 291 21.15 -28.69 -7.33
C SER B 291 20.85 -27.63 -6.23
N LYS B 292 19.57 -27.51 -5.86
CA LYS B 292 19.15 -26.60 -4.80
C LYS B 292 18.06 -27.28 -4.00
N CYS B 293 18.27 -27.39 -2.69
CA CYS B 293 17.33 -28.02 -1.77
C CYS B 293 15.97 -27.35 -1.77
N VAL B 294 15.98 -26.02 -1.66
CA VAL B 294 14.75 -25.26 -1.66
C VAL B 294 14.87 -24.21 -2.72
N CYS B 295 14.23 -24.43 -3.86
CA CYS B 295 14.25 -23.47 -4.93
C CYS B 295 12.86 -22.87 -5.10
N SER B 296 12.63 -21.70 -4.50
CA SER B 296 11.35 -21.01 -4.57
C SER B 296 11.06 -20.45 -5.95
N VAL B 297 9.93 -20.90 -6.55
CA VAL B 297 9.50 -20.56 -7.89
C VAL B 297 8.12 -19.93 -7.88
N ILE B 298 7.99 -18.79 -8.56
CA ILE B 298 6.74 -18.07 -8.74
C ILE B 298 6.50 -17.91 -10.27
N ASP B 299 5.23 -18.01 -10.69
CA ASP B 299 4.91 -17.82 -12.10
C ASP B 299 4.23 -16.49 -12.26
N LEU B 300 5.00 -15.41 -12.29
CA LEU B 300 4.45 -14.08 -12.56
C LEU B 300 4.53 -13.87 -14.06
N LEU B 301 3.69 -13.01 -14.64
CA LEU B 301 3.83 -12.62 -16.05
C LEU B 301 5.18 -11.84 -16.11
N LEU B 302 6.08 -12.15 -17.05
CA LEU B 302 7.42 -11.53 -17.06
C LEU B 302 7.41 -10.01 -16.96
N ASP B 303 6.37 -9.39 -17.54
CA ASP B 303 6.15 -7.95 -17.52
C ASP B 303 5.91 -7.46 -16.09
N ASP B 304 5.15 -8.25 -15.30
CA ASP B 304 4.86 -7.96 -13.90
C ASP B 304 6.11 -8.12 -13.04
N PHE B 305 6.96 -9.11 -13.33
CA PHE B 305 8.20 -9.27 -12.57
C PHE B 305 9.16 -8.12 -12.90
N VAL B 306 9.20 -7.69 -14.16
CA VAL B 306 10.05 -6.57 -14.56
C VAL B 306 9.53 -5.29 -13.91
N GLU B 307 8.19 -5.09 -13.86
CA GLU B 307 7.59 -3.92 -13.22
C GLU B 307 7.89 -3.89 -11.72
N ILE B 308 7.95 -5.06 -11.06
CA ILE B 308 8.25 -5.16 -9.64
C ILE B 308 9.72 -4.89 -9.41
N ILE B 309 10.60 -5.52 -10.20
CA ILE B 309 12.04 -5.37 -10.01
C ILE B 309 12.54 -3.95 -10.35
N LYS B 310 11.91 -3.27 -11.32
CA LYS B 310 12.30 -1.91 -11.64
C LYS B 310 11.68 -0.86 -10.68
N SER B 311 10.68 -1.26 -9.86
CA SER B 311 10.02 -0.39 -8.89
C SER B 311 10.68 -0.44 -7.50
N GLN B 312 11.97 -0.87 -7.42
CA GLN B 312 12.66 -1.04 -6.16
C GLN B 312 13.84 -0.12 -6.03
N ASP B 313 14.19 0.18 -4.78
CA ASP B 313 15.36 0.98 -4.45
C ASP B 313 16.56 0.01 -4.41
N LEU B 314 17.58 0.25 -5.25
CA LEU B 314 18.72 -0.65 -5.33
C LEU B 314 19.97 -0.22 -4.52
N SER B 315 19.78 0.50 -3.41
CA SER B 315 20.92 0.97 -2.61
C SER B 315 21.13 0.25 -1.27
N VAL B 316 20.34 -0.81 -0.97
CA VAL B 316 20.48 -1.53 0.30
C VAL B 316 21.16 -2.87 0.05
N VAL B 317 22.11 -3.29 0.92
CA VAL B 317 22.77 -4.59 0.76
C VAL B 317 21.74 -5.75 0.77
N SER B 318 20.81 -5.74 1.74
CA SER B 318 19.77 -6.77 1.83
C SER B 318 18.51 -6.23 2.49
N LYS B 319 17.39 -6.26 1.78
CA LYS B 319 16.12 -5.80 2.35
C LYS B 319 14.95 -6.67 1.92
N VAL B 320 13.90 -6.70 2.75
CA VAL B 320 12.70 -7.48 2.43
C VAL B 320 11.79 -6.58 1.59
N VAL B 321 11.36 -7.09 0.44
CA VAL B 321 10.49 -6.39 -0.49
C VAL B 321 9.16 -7.13 -0.48
N LYS B 322 8.13 -6.57 0.14
CA LYS B 322 6.84 -7.23 0.20
C LYS B 322 5.98 -6.85 -1.01
N VAL B 323 5.47 -7.83 -1.77
CA VAL B 323 4.63 -7.63 -2.96
C VAL B 323 3.26 -8.35 -2.80
N THR B 324 2.13 -7.65 -3.03
CA THR B 324 0.83 -8.31 -2.94
C THR B 324 0.59 -9.09 -4.23
N ILE B 325 0.63 -10.43 -4.13
CA ILE B 325 0.40 -11.39 -5.22
C ILE B 325 -0.69 -12.35 -4.78
N ASP B 326 -1.69 -12.58 -5.64
CA ASP B 326 -2.84 -13.44 -5.38
C ASP B 326 -3.54 -13.07 -4.08
N TYR B 327 -3.59 -11.77 -3.76
CA TYR B 327 -4.19 -11.13 -2.57
C TYR B 327 -3.37 -11.24 -1.31
N THR B 328 -2.36 -12.14 -1.28
CA THR B 328 -1.50 -12.33 -0.12
C THR B 328 -0.19 -11.56 -0.25
N GLU B 329 0.42 -11.23 0.89
CA GLU B 329 1.65 -10.48 0.89
C GLU B 329 2.81 -11.45 0.81
N ILE B 330 3.51 -11.42 -0.31
CA ILE B 330 4.65 -12.30 -0.53
C ILE B 330 5.88 -11.48 -0.22
N SER B 331 6.76 -11.98 0.65
CA SER B 331 8.01 -11.31 0.98
C SER B 331 9.10 -11.80 0.03
N PHE B 332 9.84 -10.89 -0.55
CA PHE B 332 10.97 -11.21 -1.41
C PHE B 332 12.23 -10.72 -0.74
N MET B 333 13.37 -11.29 -1.08
CA MET B 333 14.62 -10.85 -0.55
C MET B 333 15.40 -10.18 -1.66
N LEU B 334 15.59 -8.87 -1.57
CA LEU B 334 16.31 -8.12 -2.60
C LEU B 334 17.72 -7.86 -2.11
N TRP B 335 18.72 -8.34 -2.86
CA TRP B 335 20.12 -8.18 -2.50
C TRP B 335 20.79 -7.32 -3.54
N CYS B 336 21.40 -6.21 -3.14
CA CYS B 336 22.05 -5.30 -4.08
C CYS B 336 23.55 -5.09 -3.79
N LYS B 337 24.28 -4.53 -4.76
CA LYS B 337 25.70 -4.25 -4.65
C LYS B 337 26.04 -3.15 -5.65
N ASP B 338 26.55 -1.99 -5.19
CA ASP B 338 26.95 -0.87 -6.05
C ASP B 338 25.87 -0.42 -7.05
N GLY B 339 24.62 -0.33 -6.57
CA GLY B 339 23.50 0.13 -7.38
C GLY B 339 22.86 -0.86 -8.34
N HIS B 340 23.38 -2.08 -8.35
CA HIS B 340 22.84 -3.14 -9.20
C HIS B 340 22.31 -4.29 -8.35
N VAL B 341 21.36 -5.06 -8.91
CA VAL B 341 20.80 -6.21 -8.21
C VAL B 341 21.79 -7.37 -8.26
N GLU B 342 21.74 -8.24 -7.26
CA GLU B 342 22.53 -9.45 -7.20
C GLU B 342 21.57 -10.65 -7.29
N THR B 343 20.48 -10.60 -6.50
CA THR B 343 19.40 -11.58 -6.49
C THR B 343 18.11 -10.91 -5.96
N PHE B 344 16.98 -11.51 -6.31
CA PHE B 344 15.66 -11.09 -5.91
C PHE B 344 14.80 -12.35 -5.97
N TYR B 345 14.73 -13.06 -4.86
CA TYR B 345 14.01 -14.33 -4.78
C TYR B 345 12.82 -14.26 -3.84
N PRO B 346 11.77 -15.09 -4.04
CA PRO B 346 10.65 -15.09 -3.09
C PRO B 346 11.07 -15.70 -1.75
N LYS B 347 11.47 -14.83 -0.78
CA LYS B 347 11.97 -15.11 0.57
C LYS B 347 11.47 -16.38 1.24
N LEU B 348 12.45 -17.25 1.57
CA LEU B 348 12.32 -18.54 2.24
C LEU B 348 12.07 -18.24 3.75
N GLN B 349 10.78 -18.06 4.10
CA GLN B 349 10.36 -17.74 5.46
C GLN B 349 9.15 -18.60 5.90
N1 O3G C . 8.57 23.03 -3.08
C4 O3G C . 6.15 23.01 -3.76
C5 O3G C . 7.43 23.83 -3.52
C6 O3G C . 9.79 23.69 -3.54
C7 O3G C . 11.00 22.81 -3.28
C8 O3G C . 11.44 22.61 -1.97
C10 O3G C . 13.19 21.22 -2.78
C13 O3G C . 5.61 22.92 -5.04
C1 O3G C . 3.84 21.61 -4.20
C11 O3G C . 12.77 21.42 -4.09
C12 O3G C . 11.66 22.22 -4.34
C14 O3G C . 4.44 22.22 -5.27
C2 O3G C . 4.38 21.64 -2.93
C3 O3G C . 5.54 22.34 -2.71
C9 O3G C . 12.54 21.83 -1.72
F1 O3G C . 2.69 20.94 -4.38
N1 O3G D . -7.91 -22.69 3.55
C4 O3G D . -9.69 -23.84 2.26
C5 O3G D . -8.54 -23.98 3.25
C6 O3G D . -7.18 -22.83 4.80
C7 O3G D . -6.70 -21.46 5.29
C8 O3G D . -5.57 -20.89 4.74
C10 O3G D . -5.83 -19.02 6.21
C13 O3G D . -10.96 -24.26 2.63
C1 O3G D . -11.77 -23.76 0.47
C11 O3G D . -6.97 -19.61 6.78
C12 O3G D . -7.40 -20.84 6.32
C14 O3G D . -12.00 -24.23 1.73
C2 O3G D . -10.52 -23.32 0.07
C3 O3G D . -9.48 -23.35 0.98
C9 O3G D . -5.12 -19.66 5.19
F1 O3G D . -12.77 -23.73 -0.41
#